data_9GI6
#
_entry.id   9GI6
#
_cell.length_a   67.807
_cell.length_b   100.574
_cell.length_c   102.182
_cell.angle_alpha   90.000
_cell.angle_beta   90.000
_cell.angle_gamma   90.000
#
_symmetry.space_group_name_H-M   'P 21 21 21'
#
loop_
_entity.id
_entity.type
_entity.pdbx_description
1 polymer 'Replicase polyprotein 1a'
2 non-polymer DI(HYDROXYETHYL)ETHER
3 non-polymer 'CHLORIDE ION'
4 non-polymer 'SODIUM ION'
5 water water
#
_entity_poly.entity_id   1
_entity_poly.type   'polypeptide(L)'
_entity_poly.pdbx_seq_one_letter_code
;SGFRKMAFPSGKVEGCMVQVTCGTTTLNGLWLDDVVYCPRHVICTSEDMLNPNYEDLLIRKSNHNFLVQAGNVQLRVIGH
SMQNCVLKLKVDTANPKTPKYKFVRIQPGQTFSVLACYNGSPSGVYQCAMRPNFTIKGSFLNGSCGSVGFNIDYDCVSFC
YMHHMELPTGVHAGTDLEGNFYGPFVDRQTAQAAGTDTTITVNVLAWLYAAVIAGDRWFLNRFTTTLNDFNLVAMKYNYE
PLTQDHVDILGPLSAQTGIAVLDMCASLKELLQNGMNGRTILGSALLEDEFTPFDVVRQCSGVTFQ
;
_entity_poly.pdbx_strand_id   A,B
#
loop_
_chem_comp.id
_chem_comp.type
_chem_comp.name
_chem_comp.formula
CL non-polymer 'CHLORIDE ION' 'Cl -1'
NA non-polymer 'SODIUM ION' 'Na 1'
PEG non-polymer DI(HYDROXYETHYL)ETHER 'C4 H10 O3'
#
# COMPACT_ATOMS: atom_id res chain seq x y z
N SER A 1 -16.98 4.64 -6.26
CA SER A 1 -16.22 3.40 -6.06
C SER A 1 -14.75 3.60 -6.44
N GLY A 2 -13.95 4.08 -5.50
CA GLY A 2 -12.61 4.54 -5.81
C GLY A 2 -11.48 3.54 -5.71
N PHE A 3 -11.17 2.84 -6.82
CA PHE A 3 -10.02 1.93 -6.92
C PHE A 3 -8.79 2.55 -6.27
N ARG A 4 -8.41 2.05 -5.09
CA ARG A 4 -7.21 2.50 -4.41
C ARG A 4 -6.03 1.60 -4.77
N LYS A 5 -4.82 2.10 -4.52
CA LYS A 5 -3.61 1.32 -4.82
C LYS A 5 -3.35 0.31 -3.72
N MET A 6 -3.74 -0.95 -3.95
CA MET A 6 -3.59 -2.00 -2.94
C MET A 6 -2.35 -2.84 -3.19
N ALA A 7 -1.64 -3.15 -2.10
CA ALA A 7 -0.60 -4.16 -2.12
C ALA A 7 -1.20 -5.53 -1.85
N PHE A 8 -0.46 -6.58 -2.19
CA PHE A 8 -0.87 -7.90 -1.73
C PHE A 8 -0.63 -8.05 -0.23
N PRO A 9 -1.41 -8.88 0.45
CA PRO A 9 -1.10 -9.24 1.84
C PRO A 9 0.30 -9.83 1.94
N SER A 10 1.10 -9.32 2.87
CA SER A 10 2.54 -9.58 2.92
C SER A 10 2.96 -10.71 3.85
N GLY A 11 2.01 -11.37 4.55
CA GLY A 11 2.38 -12.33 5.57
C GLY A 11 3.19 -13.52 5.06
N LYS A 12 2.86 -14.03 3.88
CA LYS A 12 3.61 -15.16 3.34
C LYS A 12 5.06 -14.78 3.08
N VAL A 13 5.32 -13.52 2.75
CA VAL A 13 6.71 -13.09 2.53
C VAL A 13 7.39 -12.75 3.85
N GLU A 14 6.67 -12.13 4.79
CA GLU A 14 7.23 -11.83 6.10
C GLU A 14 7.88 -13.04 6.74
N GLY A 15 7.23 -14.21 6.62
CA GLY A 15 7.79 -15.42 7.18
C GLY A 15 9.05 -15.93 6.50
N CYS A 16 9.53 -15.25 5.44
CA CYS A 16 10.74 -15.63 4.75
C CYS A 16 11.91 -14.68 4.97
N MET A 17 11.68 -13.54 5.62
CA MET A 17 12.70 -12.52 5.71
C MET A 17 13.67 -12.84 6.84
N VAL A 18 14.97 -12.82 6.52
CA VAL A 18 16.03 -13.04 7.48
C VAL A 18 17.05 -11.91 7.34
N GLN A 19 17.99 -11.89 8.27
CA GLN A 19 19.07 -10.91 8.31
C GLN A 19 20.38 -11.60 7.91
N VAL A 20 21.13 -11.00 6.99
CA VAL A 20 22.39 -11.57 6.52
C VAL A 20 23.52 -10.57 6.75
N THR A 21 24.56 -11.02 7.44
CA THR A 21 25.69 -10.17 7.75
C THR A 21 26.98 -10.79 7.23
N CYS A 22 27.79 -10.00 6.53
N CYS A 22 27.74 -10.00 6.48
CA CYS A 22 29.16 -10.37 6.18
CA CYS A 22 29.13 -10.24 6.14
C CYS A 22 30.05 -9.19 6.55
C CYS A 22 29.95 -9.10 6.70
N GLY A 23 30.96 -9.42 7.50
CA GLY A 23 31.81 -8.37 8.03
C GLY A 23 31.00 -7.33 8.79
N THR A 24 31.06 -6.09 8.33
CA THR A 24 30.26 -5.00 8.91
C THR A 24 28.95 -4.77 8.16
N THR A 25 28.71 -5.45 7.05
CA THR A 25 27.52 -5.24 6.21
C THR A 25 26.40 -6.17 6.65
N THR A 26 25.23 -5.59 6.95
CA THR A 26 24.02 -6.35 7.21
C THR A 26 22.95 -5.93 6.21
N LEU A 27 22.27 -6.91 5.61
CA LEU A 27 21.14 -6.63 4.74
C LEU A 27 20.16 -7.77 4.87
N ASN A 28 19.16 -7.78 4.01
CA ASN A 28 18.07 -8.74 4.11
C ASN A 28 18.30 -9.92 3.19
N GLY A 29 17.82 -11.09 3.62
CA GLY A 29 17.85 -12.27 2.80
C GLY A 29 16.46 -12.89 2.73
N LEU A 30 16.27 -13.72 1.71
CA LEU A 30 15.00 -14.40 1.47
C LEU A 30 15.20 -15.89 1.70
N TRP A 31 14.53 -16.43 2.72
CA TRP A 31 14.75 -17.80 3.20
C TRP A 31 13.61 -18.67 2.68
N LEU A 32 13.92 -19.47 1.66
CA LEU A 32 12.96 -20.38 1.05
C LEU A 32 13.61 -21.76 1.04
N ASP A 33 12.92 -22.74 1.63
CA ASP A 33 13.47 -24.10 1.80
C ASP A 33 14.76 -23.96 2.58
N ASP A 34 15.87 -24.56 2.16
CA ASP A 34 17.14 -24.48 2.87
C ASP A 34 18.12 -23.52 2.21
N VAL A 35 17.62 -22.51 1.51
CA VAL A 35 18.45 -21.52 0.83
C VAL A 35 18.01 -20.13 1.23
N VAL A 36 19.01 -19.28 1.51
CA VAL A 36 18.80 -17.84 1.71
C VAL A 36 19.38 -17.11 0.51
N TYR A 37 18.54 -16.34 -0.17
CA TYR A 37 18.94 -15.50 -1.30
C TYR A 37 19.15 -14.07 -0.82
N CYS A 38 20.23 -13.44 -1.29
CA CYS A 38 20.49 -12.05 -0.93
C CYS A 38 21.37 -11.42 -2.02
N PRO A 39 21.51 -10.09 -2.04
CA PRO A 39 22.41 -9.45 -3.01
C PRO A 39 23.85 -9.87 -2.75
N ARG A 40 24.54 -10.23 -3.83
CA ARG A 40 25.91 -10.68 -3.62
C ARG A 40 26.82 -9.55 -3.19
N HIS A 41 26.40 -8.27 -3.36
CA HIS A 41 27.33 -7.24 -2.89
C HIS A 41 27.50 -7.23 -1.38
N VAL A 42 26.76 -8.07 -0.65
CA VAL A 42 27.02 -8.20 0.80
C VAL A 42 28.46 -8.64 1.07
N ILE A 43 29.11 -9.32 0.12
CA ILE A 43 30.49 -9.79 0.39
C ILE A 43 31.55 -8.74 0.09
N CYS A 44 31.16 -7.58 -0.41
N CYS A 44 31.17 -7.53 -0.31
CA CYS A 44 32.11 -6.52 -0.72
CA CYS A 44 32.13 -6.54 -0.80
C CYS A 44 32.55 -5.81 0.55
C CYS A 44 32.48 -5.52 0.27
N THR A 45 33.78 -5.33 0.53
CA THR A 45 34.27 -4.38 1.52
C THR A 45 34.33 -2.98 0.91
N SER A 46 34.83 -2.02 1.69
CA SER A 46 34.91 -0.64 1.20
C SER A 46 35.98 -0.45 0.12
N GLU A 47 36.96 -1.34 0.03
CA GLU A 47 37.85 -1.35 -1.12
C GLU A 47 37.22 -1.96 -2.37
N ASP A 48 36.22 -2.82 -2.19
CA ASP A 48 35.61 -3.58 -3.28
C ASP A 48 34.46 -2.85 -3.95
N MET A 49 34.37 -1.53 -3.84
CA MET A 49 33.11 -0.89 -4.20
C MET A 49 32.96 -0.66 -5.70
N LEU A 50 34.01 -0.19 -6.36
CA LEU A 50 33.92 0.25 -7.75
C LEU A 50 33.98 -0.93 -8.71
N ASN A 51 34.89 -1.86 -8.46
CA ASN A 51 35.13 -2.97 -9.38
C ASN A 51 35.35 -4.26 -8.61
N PRO A 52 34.36 -4.70 -7.83
CA PRO A 52 34.51 -5.99 -7.15
C PRO A 52 34.59 -7.11 -8.17
N ASN A 53 35.51 -8.04 -7.93
CA ASN A 53 35.58 -9.29 -8.66
C ASN A 53 34.86 -10.31 -7.79
N TYR A 54 33.57 -10.51 -8.06
CA TYR A 54 32.77 -11.31 -7.15
C TYR A 54 33.22 -12.76 -7.12
N GLU A 55 33.65 -13.31 -8.25
N GLU A 55 33.69 -13.31 -8.23
CA GLU A 55 34.18 -14.68 -8.25
CA GLU A 55 34.14 -14.70 -8.19
C GLU A 55 35.37 -14.78 -7.30
C GLU A 55 35.42 -14.83 -7.37
N ASP A 56 36.29 -13.83 -7.40
CA ASP A 56 37.47 -13.85 -6.56
C ASP A 56 37.10 -13.69 -5.09
N LEU A 57 36.16 -12.78 -4.80
CA LEU A 57 35.77 -12.53 -3.41
C LEU A 57 35.05 -13.72 -2.81
N LEU A 58 34.13 -14.34 -3.56
CA LEU A 58 33.36 -15.44 -3.00
C LEU A 58 34.25 -16.64 -2.68
N ILE A 59 35.21 -16.94 -3.56
CA ILE A 59 36.14 -18.06 -3.33
C ILE A 59 36.81 -17.91 -1.97
N ARG A 60 37.12 -16.68 -1.58
CA ARG A 60 37.88 -16.45 -0.35
C ARG A 60 37.00 -16.49 0.90
N LYS A 61 35.69 -16.59 0.74
CA LYS A 61 34.75 -16.62 1.84
C LYS A 61 34.55 -18.04 2.33
N SER A 62 34.44 -18.19 3.64
CA SER A 62 34.09 -19.45 4.26
C SER A 62 32.64 -19.37 4.74
N ASN A 63 31.99 -20.54 4.82
CA ASN A 63 30.63 -20.61 5.39
C ASN A 63 30.52 -19.87 6.71
N HIS A 64 31.61 -19.85 7.49
CA HIS A 64 31.63 -19.20 8.79
C HIS A 64 31.69 -17.69 8.70
N ASN A 65 32.00 -17.14 7.52
CA ASN A 65 31.99 -15.70 7.36
C ASN A 65 30.58 -15.12 7.30
N PHE A 66 29.56 -15.96 7.08
CA PHE A 66 28.19 -15.48 6.90
C PHE A 66 27.39 -15.68 8.18
N LEU A 67 26.88 -14.58 8.74
CA LEU A 67 26.01 -14.63 9.91
C LEU A 67 24.56 -14.43 9.45
N VAL A 68 23.75 -15.48 9.54
CA VAL A 68 22.34 -15.43 9.15
C VAL A 68 21.51 -15.58 10.42
N GLN A 69 20.59 -14.63 10.64
CA GLN A 69 19.75 -14.60 11.83
C GLN A 69 18.29 -14.53 11.42
N ALA A 70 17.51 -15.48 11.91
CA ALA A 70 16.05 -15.48 11.76
C ALA A 70 15.47 -15.21 13.16
N GLY A 71 15.05 -13.99 13.42
CA GLY A 71 14.67 -13.64 14.78
C GLY A 71 15.86 -13.85 15.71
N ASN A 72 15.61 -14.50 16.85
N ASN A 72 15.60 -14.50 16.84
CA ASN A 72 16.68 -14.77 17.79
CA ASN A 72 16.63 -14.80 17.81
C ASN A 72 17.53 -15.99 17.41
C ASN A 72 17.36 -16.11 17.51
N VAL A 73 17.20 -16.66 16.30
CA VAL A 73 17.82 -17.92 15.91
C VAL A 73 18.90 -17.64 14.85
N GLN A 74 20.11 -18.14 15.09
CA GLN A 74 21.13 -18.15 14.04
C GLN A 74 20.99 -19.41 13.20
N LEU A 75 21.08 -19.24 11.87
CA LEU A 75 21.05 -20.35 10.91
C LEU A 75 22.47 -20.61 10.40
N ARG A 76 22.93 -21.84 10.54
CA ARG A 76 24.30 -22.15 10.12
C ARG A 76 24.36 -22.32 8.60
N VAL A 77 25.30 -21.62 8.00
CA VAL A 77 25.52 -21.75 6.57
C VAL A 77 26.39 -22.98 6.34
N ILE A 78 25.97 -23.84 5.42
CA ILE A 78 26.70 -25.05 5.09
C ILE A 78 27.17 -25.07 3.64
N GLY A 79 26.92 -24.00 2.89
CA GLY A 79 27.42 -23.92 1.53
C GLY A 79 27.05 -22.55 0.99
N HIS A 80 27.76 -22.15 -0.07
CA HIS A 80 27.41 -20.90 -0.72
C HIS A 80 27.74 -20.98 -2.20
N SER A 81 26.92 -20.32 -3.01
CA SER A 81 27.18 -20.19 -4.43
C SER A 81 26.60 -18.87 -4.91
N MET A 82 26.93 -18.54 -6.14
CA MET A 82 26.50 -17.31 -6.77
C MET A 82 25.73 -17.67 -8.02
N GLN A 83 24.57 -17.06 -8.21
CA GLN A 83 23.87 -17.12 -9.49
C GLN A 83 23.67 -15.69 -9.99
N ASN A 84 24.44 -15.33 -11.00
CA ASN A 84 24.45 -13.95 -11.48
C ASN A 84 24.74 -13.02 -10.31
N CYS A 85 23.85 -12.07 -10.00
CA CYS A 85 24.12 -11.10 -8.95
C CYS A 85 23.51 -11.49 -7.60
N VAL A 86 22.98 -12.71 -7.48
CA VAL A 86 22.31 -13.15 -6.27
C VAL A 86 23.16 -14.20 -5.58
N LEU A 87 23.44 -13.96 -4.30
CA LEU A 87 24.14 -14.92 -3.47
C LEU A 87 23.14 -15.93 -2.91
N LYS A 88 23.47 -17.21 -2.98
CA LYS A 88 22.63 -18.26 -2.42
C LYS A 88 23.40 -18.95 -1.29
N LEU A 89 22.88 -18.85 -0.08
CA LEU A 89 23.49 -19.46 1.09
C LEU A 89 22.68 -20.69 1.46
N LYS A 90 23.28 -21.87 1.33
CA LYS A 90 22.61 -23.08 1.83
C LYS A 90 22.72 -23.12 3.34
N VAL A 91 21.60 -23.35 4.01
CA VAL A 91 21.56 -23.42 5.45
C VAL A 91 21.10 -24.82 5.86
N ASP A 92 21.36 -25.16 7.12
CA ASP A 92 21.07 -26.50 7.65
C ASP A 92 19.63 -26.69 8.10
N THR A 93 18.77 -25.70 7.90
CA THR A 93 17.38 -25.73 8.36
C THR A 93 16.51 -25.21 7.23
N ALA A 94 15.54 -26.00 6.79
CA ALA A 94 14.57 -25.51 5.83
C ALA A 94 13.57 -24.61 6.55
N ASN A 95 13.17 -23.54 5.89
CA ASN A 95 12.20 -22.62 6.50
C ASN A 95 10.85 -23.28 6.57
N PRO A 96 10.30 -23.54 7.77
CA PRO A 96 8.97 -24.17 7.84
C PRO A 96 7.86 -23.25 7.37
N LYS A 97 8.12 -21.96 7.24
CA LYS A 97 7.13 -21.01 6.74
C LYS A 97 7.26 -20.77 5.25
N THR A 98 8.01 -21.60 4.54
CA THR A 98 8.17 -21.45 3.10
C THR A 98 6.81 -21.56 2.42
N PRO A 99 6.35 -20.56 1.68
CA PRO A 99 5.07 -20.70 0.97
C PRO A 99 5.27 -21.42 -0.36
N LYS A 100 4.15 -21.72 -1.02
CA LYS A 100 4.23 -22.06 -2.42
C LYS A 100 4.73 -20.84 -3.17
N TYR A 101 5.79 -21.01 -3.95
CA TYR A 101 6.39 -19.86 -4.62
C TYR A 101 6.95 -20.26 -5.96
N LYS A 102 7.21 -19.24 -6.77
CA LYS A 102 7.93 -19.35 -8.02
C LYS A 102 8.72 -18.08 -8.20
N PHE A 103 9.72 -18.13 -9.07
CA PHE A 103 10.51 -16.98 -9.48
C PHE A 103 10.08 -16.62 -10.89
N VAL A 104 9.78 -15.34 -11.11
N VAL A 104 9.79 -15.34 -11.13
CA VAL A 104 9.41 -14.87 -12.43
CA VAL A 104 9.34 -14.88 -12.45
C VAL A 104 10.22 -13.62 -12.71
C VAL A 104 10.00 -13.54 -12.76
N ARG A 105 10.51 -13.40 -13.99
CA ARG A 105 11.06 -12.14 -14.43
C ARG A 105 9.95 -11.38 -15.14
N ILE A 106 9.72 -10.13 -14.75
CA ILE A 106 8.62 -9.35 -15.25
C ILE A 106 9.08 -8.37 -16.33
N GLN A 107 8.15 -7.79 -17.02
CA GLN A 107 8.38 -6.80 -18.06
C GLN A 107 8.12 -5.40 -17.53
N PRO A 108 8.72 -4.37 -18.13
CA PRO A 108 8.36 -3.00 -17.76
C PRO A 108 6.86 -2.78 -17.89
N GLY A 109 6.28 -2.05 -16.93
CA GLY A 109 4.87 -1.81 -16.87
C GLY A 109 4.14 -2.71 -15.89
N GLN A 110 4.72 -3.86 -15.58
CA GLN A 110 4.14 -4.79 -14.64
C GLN A 110 4.21 -4.23 -13.23
N THR A 111 3.18 -4.50 -12.43
CA THR A 111 3.12 -4.08 -11.04
C THR A 111 3.43 -5.24 -10.10
N PHE A 112 3.81 -4.90 -8.87
CA PHE A 112 4.09 -5.89 -7.83
C PHE A 112 4.15 -5.17 -6.49
N SER A 113 4.14 -5.96 -5.42
CA SER A 113 4.23 -5.44 -4.07
C SER A 113 5.65 -5.60 -3.57
N VAL A 114 6.12 -4.61 -2.82
CA VAL A 114 7.42 -4.67 -2.17
C VAL A 114 7.20 -4.74 -0.67
N LEU A 115 7.84 -5.70 -0.01
CA LEU A 115 7.92 -5.77 1.46
C LEU A 115 9.23 -5.12 1.86
N ALA A 116 9.18 -3.83 2.23
CA ALA A 116 10.39 -3.11 2.59
C ALA A 116 10.87 -3.55 3.98
N CYS A 117 12.14 -3.96 4.09
CA CYS A 117 12.66 -4.56 5.31
C CYS A 117 14.00 -3.93 5.72
N TYR A 118 14.28 -3.98 7.00
CA TYR A 118 15.51 -3.42 7.53
C TYR A 118 16.06 -4.36 8.58
N ASN A 119 17.32 -4.77 8.40
CA ASN A 119 17.97 -5.70 9.32
C ASN A 119 17.16 -6.98 9.48
N GLY A 120 16.56 -7.43 8.37
CA GLY A 120 15.77 -8.63 8.38
C GLY A 120 14.35 -8.46 8.88
N SER A 121 13.95 -7.25 9.30
CA SER A 121 12.62 -7.07 9.87
C SER A 121 11.70 -6.36 8.90
N PRO A 122 10.55 -6.96 8.55
CA PRO A 122 9.57 -6.26 7.70
C PRO A 122 9.15 -4.95 8.33
N SER A 123 9.15 -3.91 7.51
N SER A 123 9.11 -3.91 7.52
CA SER A 123 8.82 -2.56 7.95
CA SER A 123 8.76 -2.58 7.99
C SER A 123 7.50 -2.05 7.38
C SER A 123 7.49 -2.03 7.37
N GLY A 124 7.28 -2.25 6.08
CA GLY A 124 6.08 -1.75 5.43
C GLY A 124 5.95 -2.46 4.11
N VAL A 125 4.77 -2.32 3.53
CA VAL A 125 4.48 -2.89 2.22
C VAL A 125 3.92 -1.80 1.33
N TYR A 126 4.35 -1.79 0.07
CA TYR A 126 3.76 -0.84 -0.87
C TYR A 126 3.69 -1.47 -2.25
N GLN A 127 2.91 -0.84 -3.11
CA GLN A 127 2.61 -1.32 -4.45
C GLN A 127 3.33 -0.43 -5.43
N CYS A 128 3.96 -1.03 -6.44
CA CYS A 128 4.69 -0.22 -7.40
C CYS A 128 4.73 -0.96 -8.74
N ALA A 129 5.49 -0.39 -9.69
CA ALA A 129 5.57 -0.92 -11.03
C ALA A 129 7.02 -0.88 -11.49
N MET A 130 7.36 -1.82 -12.36
CA MET A 130 8.63 -1.72 -13.09
C MET A 130 8.50 -0.60 -14.11
N ARG A 131 9.29 0.47 -13.94
CA ARG A 131 9.22 1.60 -14.86
C ARG A 131 9.82 1.20 -16.23
N PRO A 132 9.36 1.85 -17.30
CA PRO A 132 9.96 1.61 -18.63
C PRO A 132 11.48 1.73 -18.64
N ASN A 133 12.08 2.60 -17.81
CA ASN A 133 13.53 2.69 -17.69
C ASN A 133 14.11 1.65 -16.70
N PHE A 134 13.34 0.63 -16.33
CA PHE A 134 13.82 -0.51 -15.53
C PHE A 134 14.24 -0.11 -14.13
N THR A 135 13.66 0.95 -13.59
CA THR A 135 13.89 1.29 -12.20
C THR A 135 12.57 1.18 -11.46
N ILE A 136 12.65 1.27 -10.14
CA ILE A 136 11.49 1.28 -9.27
C ILE A 136 11.47 2.61 -8.54
N LYS A 137 10.29 3.22 -8.45
CA LYS A 137 10.13 4.39 -7.59
C LYS A 137 9.62 3.87 -6.26
N GLY A 138 10.53 3.61 -5.34
CA GLY A 138 10.13 3.07 -4.05
C GLY A 138 10.57 3.92 -2.88
N SER A 139 10.67 3.28 -1.71
CA SER A 139 11.15 3.91 -0.49
C SER A 139 12.09 2.90 0.18
N PHE A 140 13.39 3.02 -0.10
CA PHE A 140 14.42 2.13 0.46
C PHE A 140 15.46 2.97 1.21
N LEU A 141 15.37 2.98 2.54
CA LEU A 141 16.37 3.66 3.36
C LEU A 141 17.65 2.81 3.43
N ASN A 142 18.58 3.22 4.28
CA ASN A 142 19.86 2.53 4.40
C ASN A 142 19.66 1.14 4.99
N GLY A 143 20.14 0.12 4.29
CA GLY A 143 19.97 -1.24 4.73
C GLY A 143 18.74 -1.93 4.20
N SER A 144 18.10 -1.38 3.18
CA SER A 144 16.92 -1.98 2.58
C SER A 144 17.25 -3.02 1.52
N CYS A 145 18.52 -3.13 1.10
CA CYS A 145 18.94 -4.13 0.13
C CYS A 145 18.49 -5.52 0.54
N GLY A 146 18.08 -6.31 -0.46
CA GLY A 146 17.56 -7.64 -0.26
C GLY A 146 16.07 -7.73 0.00
N SER A 147 15.39 -6.59 0.17
CA SER A 147 13.93 -6.56 0.18
C SER A 147 13.42 -7.08 -1.16
N VAL A 148 12.23 -7.68 -1.16
CA VAL A 148 11.76 -8.33 -2.39
C VAL A 148 10.40 -7.82 -2.84
N GLY A 149 10.19 -7.92 -4.15
CA GLY A 149 8.91 -7.67 -4.77
C GLY A 149 8.24 -8.98 -5.17
N PHE A 150 6.91 -8.99 -5.13
CA PHE A 150 6.14 -10.22 -5.29
C PHE A 150 4.72 -9.88 -5.70
N ASN A 151 4.08 -10.87 -6.34
CA ASN A 151 2.64 -10.94 -6.54
C ASN A 151 2.12 -12.23 -5.92
N ILE A 152 0.84 -12.24 -5.55
CA ILE A 152 0.18 -13.43 -5.01
C ILE A 152 -1.21 -13.52 -5.62
N ASP A 153 -1.29 -13.72 -6.93
CA ASP A 153 -2.60 -13.62 -7.58
C ASP A 153 -3.53 -14.76 -7.15
N TYR A 154 -3.00 -15.96 -6.92
CA TYR A 154 -3.82 -17.12 -6.56
C TYR A 154 -3.40 -17.66 -5.20
N ASP A 155 -2.76 -18.83 -5.19
CA ASP A 155 -2.22 -19.40 -3.95
C ASP A 155 -0.71 -19.18 -3.82
N CYS A 156 -0.05 -18.89 -4.93
CA CYS A 156 1.39 -18.95 -5.05
C CYS A 156 2.01 -17.56 -4.99
N VAL A 157 3.11 -17.45 -4.26
CA VAL A 157 3.89 -16.20 -4.20
C VAL A 157 4.85 -16.20 -5.38
N SER A 158 4.66 -15.30 -6.34
CA SER A 158 5.62 -15.18 -7.43
C SER A 158 6.60 -14.05 -7.08
N PHE A 159 7.84 -14.44 -6.78
CA PHE A 159 8.89 -13.46 -6.51
C PHE A 159 9.46 -12.92 -7.82
N CYS A 160 9.48 -11.60 -7.98
CA CYS A 160 9.91 -11.01 -9.22
C CYS A 160 11.02 -9.98 -9.08
N TYR A 161 11.37 -9.55 -7.86
CA TYR A 161 12.33 -8.48 -7.72
C TYR A 161 13.07 -8.62 -6.40
N MET A 162 14.36 -8.32 -6.43
CA MET A 162 15.13 -8.14 -5.20
C MET A 162 15.85 -6.81 -5.30
N HIS A 163 15.74 -5.99 -4.27
CA HIS A 163 16.37 -4.67 -4.29
C HIS A 163 17.89 -4.76 -4.10
N HIS A 164 18.65 -4.12 -4.98
CA HIS A 164 20.10 -4.08 -4.79
C HIS A 164 20.65 -2.71 -4.46
N MET A 165 20.15 -1.63 -5.07
CA MET A 165 20.82 -0.37 -4.89
C MET A 165 19.92 0.80 -5.30
N GLU A 166 20.26 1.97 -4.77
CA GLU A 166 19.59 3.22 -5.11
C GLU A 166 20.49 4.00 -6.06
N LEU A 167 19.89 4.61 -7.08
CA LEU A 167 20.62 5.36 -8.08
C LEU A 167 20.64 6.85 -7.70
N PRO A 168 21.45 7.66 -8.39
CA PRO A 168 21.59 9.08 -7.99
C PRO A 168 20.28 9.84 -7.85
N THR A 169 19.29 9.58 -8.70
CA THR A 169 18.01 10.28 -8.59
C THR A 169 17.12 9.73 -7.49
N GLY A 170 17.56 8.72 -6.75
CA GLY A 170 16.74 8.15 -5.71
C GLY A 170 15.83 7.01 -6.13
N VAL A 171 15.80 6.65 -7.41
CA VAL A 171 15.05 5.48 -7.80
C VAL A 171 15.89 4.24 -7.50
N HIS A 172 15.30 3.06 -7.61
CA HIS A 172 15.93 1.83 -7.15
C HIS A 172 16.11 0.86 -8.30
N ALA A 173 17.20 0.11 -8.25
CA ALA A 173 17.51 -0.93 -9.22
C ALA A 173 17.77 -2.25 -8.51
N GLY A 174 17.49 -3.34 -9.21
CA GLY A 174 17.65 -4.65 -8.63
C GLY A 174 17.49 -5.73 -9.69
N THR A 175 17.34 -6.96 -9.22
CA THR A 175 17.40 -8.14 -10.07
C THR A 175 16.12 -8.94 -9.96
N ASP A 176 15.97 -9.91 -10.86
CA ASP A 176 15.02 -10.98 -10.58
C ASP A 176 15.67 -11.94 -9.57
N LEU A 177 14.92 -12.96 -9.15
CA LEU A 177 15.44 -13.87 -8.15
C LEU A 177 16.45 -14.86 -8.69
N GLU A 178 16.72 -14.83 -10.00
CA GLU A 178 17.84 -15.55 -10.55
C GLU A 178 19.06 -14.67 -10.73
N GLY A 179 19.03 -13.45 -10.17
CA GLY A 179 20.22 -12.63 -10.12
C GLY A 179 20.46 -11.76 -11.33
N ASN A 180 19.53 -11.70 -12.29
CA ASN A 180 19.72 -10.90 -13.49
C ASN A 180 19.13 -9.51 -13.28
N PHE A 181 19.96 -8.47 -13.45
CA PHE A 181 19.44 -7.12 -13.25
C PHE A 181 18.33 -6.81 -14.23
N TYR A 182 17.37 -6.02 -13.76
CA TYR A 182 16.46 -5.33 -14.64
C TYR A 182 17.17 -4.08 -15.17
N GLY A 183 17.21 -3.92 -16.49
CA GLY A 183 17.88 -2.79 -17.10
C GLY A 183 19.39 -2.94 -17.20
N PRO A 184 20.09 -1.88 -17.61
CA PRO A 184 21.52 -2.01 -17.90
C PRO A 184 22.42 -1.83 -16.69
N PHE A 185 21.87 -2.00 -15.49
CA PHE A 185 22.61 -1.67 -14.28
C PHE A 185 23.48 -2.85 -13.83
N VAL A 186 24.50 -2.52 -13.02
CA VAL A 186 25.48 -3.48 -12.51
C VAL A 186 25.68 -3.20 -11.02
N ASP A 187 26.05 -4.25 -10.27
CA ASP A 187 26.24 -4.09 -8.82
C ASP A 187 27.69 -3.66 -8.51
N ARG A 188 28.00 -2.45 -8.98
CA ARG A 188 29.26 -1.75 -8.75
C ARG A 188 28.94 -0.30 -8.41
N GLN A 189 29.84 0.37 -7.72
CA GLN A 189 29.62 1.78 -7.40
C GLN A 189 30.10 2.71 -8.51
N THR A 190 30.47 2.18 -9.66
CA THR A 190 30.79 3.02 -10.80
C THR A 190 29.58 3.88 -11.18
N ALA A 191 29.85 5.03 -11.81
CA ALA A 191 28.81 5.98 -12.18
C ALA A 191 27.72 5.32 -13.04
N GLN A 192 26.47 5.42 -12.59
CA GLN A 192 25.31 4.92 -13.32
C GLN A 192 24.14 5.83 -13.03
N ALA A 193 23.25 5.98 -14.01
CA ALA A 193 22.03 6.73 -13.79
C ALA A 193 20.91 6.15 -14.63
N ALA A 194 19.69 6.40 -14.20
CA ALA A 194 18.53 5.93 -14.95
C ALA A 194 18.29 6.81 -16.17
N GLY A 195 17.86 6.20 -17.26
CA GLY A 195 17.43 6.94 -18.42
C GLY A 195 16.14 7.71 -18.15
N THR A 196 15.72 8.49 -19.15
CA THR A 196 14.49 9.26 -18.97
C THR A 196 13.32 8.31 -18.83
N ASP A 197 12.48 8.54 -17.82
CA ASP A 197 11.34 7.66 -17.64
C ASP A 197 10.17 8.12 -18.51
N THR A 198 9.33 7.17 -18.89
CA THR A 198 8.14 7.46 -19.69
C THR A 198 6.91 6.91 -18.97
N THR A 199 5.75 7.37 -19.41
CA THR A 199 4.50 6.92 -18.80
C THR A 199 4.03 5.62 -19.45
N ILE A 200 3.54 4.69 -18.63
CA ILE A 200 3.07 3.40 -19.12
C ILE A 200 1.66 3.56 -19.68
N THR A 201 1.58 3.81 -20.99
CA THR A 201 0.33 4.22 -21.61
C THR A 201 -0.77 3.18 -21.42
N VAL A 202 -0.44 1.89 -21.59
CA VAL A 202 -1.48 0.88 -21.49
C VAL A 202 -2.08 0.85 -20.09
N ASN A 203 -1.28 1.21 -19.08
CA ASN A 203 -1.78 1.23 -17.71
C ASN A 203 -2.66 2.45 -17.48
N VAL A 204 -2.31 3.60 -18.07
CA VAL A 204 -3.20 4.76 -17.98
C VAL A 204 -4.56 4.43 -18.57
N LEU A 205 -4.57 3.76 -19.73
CA LEU A 205 -5.84 3.44 -20.39
C LEU A 205 -6.66 2.47 -19.55
N ALA A 206 -6.01 1.46 -18.96
CA ALA A 206 -6.70 0.56 -18.04
C ALA A 206 -7.32 1.34 -16.89
N TRP A 207 -6.60 2.34 -16.38
CA TRP A 207 -7.09 3.13 -15.27
C TRP A 207 -8.25 4.03 -15.69
N LEU A 208 -8.24 4.55 -16.92
CA LEU A 208 -9.41 5.27 -17.39
C LEU A 208 -10.61 4.33 -17.53
N TYR A 209 -10.39 3.11 -18.02
CA TYR A 209 -11.49 2.14 -18.06
C TYR A 209 -12.03 1.85 -16.67
N ALA A 210 -11.15 1.78 -15.66
CA ALA A 210 -11.60 1.58 -14.30
C ALA A 210 -12.38 2.78 -13.78
N ALA A 211 -11.99 3.99 -14.18
CA ALA A 211 -12.76 5.17 -13.80
C ALA A 211 -14.18 5.11 -14.36
N VAL A 212 -14.32 4.66 -15.61
CA VAL A 212 -15.64 4.55 -16.22
C VAL A 212 -16.48 3.48 -15.51
N ILE A 213 -15.88 2.30 -15.29
CA ILE A 213 -16.53 1.28 -14.48
C ILE A 213 -16.98 1.85 -13.14
N ALA A 214 -16.13 2.64 -12.49
CA ALA A 214 -16.48 3.36 -11.28
C ALA A 214 -17.52 4.45 -11.49
N GLY A 215 -17.90 4.78 -12.73
CA GLY A 215 -18.95 5.74 -13.00
C GLY A 215 -18.49 7.11 -13.46
N ASP A 216 -17.19 7.35 -13.59
CA ASP A 216 -16.74 8.60 -14.19
C ASP A 216 -17.11 8.61 -15.67
N ARG A 217 -17.50 9.78 -16.17
CA ARG A 217 -17.80 9.96 -17.58
C ARG A 217 -17.18 11.22 -18.14
N TRP A 218 -16.69 12.14 -17.29
CA TRP A 218 -16.52 13.52 -17.72
C TRP A 218 -15.45 13.66 -18.79
N PHE A 219 -14.48 12.74 -18.83
CA PHE A 219 -13.39 12.83 -19.81
C PHE A 219 -13.67 12.09 -21.11
N LEU A 220 -14.81 11.41 -21.23
CA LEU A 220 -15.12 10.71 -22.47
C LEU A 220 -15.42 11.71 -23.59
N ASN A 221 -15.20 11.30 -24.83
CA ASN A 221 -15.57 12.14 -25.94
C ASN A 221 -16.04 11.26 -27.09
N ARG A 222 -16.52 11.90 -28.14
CA ARG A 222 -17.10 11.20 -29.28
C ARG A 222 -16.07 10.82 -30.32
N PHE A 223 -14.80 11.04 -30.07
CA PHE A 223 -13.80 10.80 -31.10
C PHE A 223 -13.20 9.41 -30.98
N THR A 224 -12.66 8.94 -32.11
N THR A 224 -12.71 8.90 -32.10
CA THR A 224 -11.80 7.77 -32.18
CA THR A 224 -11.71 7.85 -32.06
C THR A 224 -10.58 8.14 -33.02
C THR A 224 -10.44 8.39 -32.65
N THR A 225 -9.44 7.53 -32.70
CA THR A 225 -8.20 7.83 -33.41
C THR A 225 -7.73 6.54 -34.07
N THR A 226 -6.72 6.66 -34.92
CA THR A 226 -5.98 5.49 -35.36
C THR A 226 -4.87 5.21 -34.36
N LEU A 227 -4.40 3.96 -34.36
CA LEU A 227 -3.33 3.61 -33.44
C LEU A 227 -2.09 4.42 -33.75
N ASN A 228 -1.84 4.69 -35.03
CA ASN A 228 -0.64 5.40 -35.40
C ASN A 228 -0.72 6.89 -35.03
N ASP A 229 -1.85 7.53 -35.29
CA ASP A 229 -2.03 8.92 -34.86
C ASP A 229 -1.95 9.05 -33.34
N PHE A 230 -2.49 8.07 -32.62
CA PHE A 230 -2.39 8.17 -31.17
C PHE A 230 -0.94 8.07 -30.71
N ASN A 231 -0.16 7.18 -31.34
CA ASN A 231 1.22 7.02 -30.91
C ASN A 231 2.07 8.25 -31.22
N LEU A 232 1.76 8.96 -32.30
CA LEU A 232 2.45 10.23 -32.56
C LEU A 232 2.18 11.24 -31.46
N VAL A 233 0.91 11.36 -31.03
CA VAL A 233 0.60 12.28 -29.93
C VAL A 233 1.25 11.80 -28.63
N ALA A 234 1.08 10.51 -28.31
CA ALA A 234 1.55 9.98 -27.03
C ALA A 234 3.04 10.25 -26.81
N MET A 235 3.86 9.89 -27.79
CA MET A 235 5.29 10.11 -27.68
C MET A 235 5.66 11.58 -27.55
N LYS A 236 4.82 12.49 -28.00
CA LYS A 236 5.13 13.91 -27.78
C LYS A 236 4.99 14.31 -26.32
N TYR A 237 4.34 13.48 -25.50
CA TYR A 237 4.26 13.73 -24.07
C TYR A 237 5.09 12.73 -23.26
N ASN A 238 6.05 12.07 -23.90
CA ASN A 238 6.86 11.02 -23.27
C ASN A 238 6.00 9.88 -22.73
N TYR A 239 4.91 9.57 -23.41
CA TYR A 239 4.17 8.35 -23.16
C TYR A 239 4.73 7.21 -24.00
N GLU A 240 4.68 6.00 -23.44
CA GLU A 240 5.09 4.81 -24.19
C GLU A 240 4.19 4.62 -25.41
N PRO A 241 4.73 4.13 -26.53
CA PRO A 241 3.87 3.73 -27.64
C PRO A 241 2.96 2.57 -27.25
N LEU A 242 1.80 2.55 -27.85
CA LEU A 242 0.82 1.49 -27.68
C LEU A 242 0.99 0.49 -28.82
N THR A 243 1.26 -0.77 -28.47
CA THR A 243 1.36 -1.84 -29.46
C THR A 243 0.00 -2.50 -29.65
N GLN A 244 -0.08 -3.33 -30.68
CA GLN A 244 -1.31 -4.10 -30.89
C GLN A 244 -1.53 -5.10 -29.76
N ASP A 245 -0.46 -5.65 -29.19
CA ASP A 245 -0.60 -6.45 -27.98
C ASP A 245 -1.31 -5.67 -26.87
N HIS A 246 -0.95 -4.40 -26.70
CA HIS A 246 -1.62 -3.56 -25.73
C HIS A 246 -3.10 -3.38 -26.06
N VAL A 247 -3.43 -3.15 -27.32
CA VAL A 247 -4.82 -3.04 -27.72
C VAL A 247 -5.57 -4.34 -27.42
N ASP A 248 -4.95 -5.49 -27.68
CA ASP A 248 -5.62 -6.77 -27.41
C ASP A 248 -5.90 -6.93 -25.92
N ILE A 249 -4.91 -6.61 -25.08
N ILE A 249 -4.93 -6.62 -25.07
CA ILE A 249 -5.04 -6.79 -23.64
CA ILE A 249 -5.13 -6.87 -23.64
C ILE A 249 -6.17 -5.95 -23.08
C ILE A 249 -6.17 -5.93 -23.04
N LEU A 250 -6.43 -4.79 -23.67
CA LEU A 250 -7.49 -3.92 -23.18
C LEU A 250 -8.87 -4.36 -23.64
N GLY A 251 -8.93 -5.36 -24.54
CA GLY A 251 -10.16 -5.90 -25.06
C GLY A 251 -11.23 -6.23 -24.03
N PRO A 252 -10.88 -6.98 -22.97
CA PRO A 252 -11.86 -7.22 -21.91
C PRO A 252 -12.49 -5.96 -21.36
N LEU A 253 -11.68 -4.94 -21.04
CA LEU A 253 -12.21 -3.70 -20.49
C LEU A 253 -13.02 -2.94 -21.54
N SER A 254 -12.58 -3.01 -22.79
CA SER A 254 -13.33 -2.42 -23.88
C SER A 254 -14.74 -2.99 -23.97
N ALA A 255 -14.90 -4.27 -23.65
CA ALA A 255 -16.19 -4.93 -23.81
C ALA A 255 -17.05 -4.83 -22.57
N GLN A 256 -16.45 -4.76 -21.38
CA GLN A 256 -17.26 -4.53 -20.18
C GLN A 256 -17.93 -3.17 -20.23
N THR A 257 -17.28 -2.19 -20.84
CA THR A 257 -17.76 -0.82 -20.84
C THR A 257 -18.43 -0.42 -22.14
N GLY A 258 -18.19 -1.16 -23.22
CA GLY A 258 -18.75 -0.78 -24.50
C GLY A 258 -18.05 0.38 -25.16
N ILE A 259 -16.81 0.67 -24.77
CA ILE A 259 -16.03 1.77 -25.31
C ILE A 259 -14.83 1.18 -26.02
N ALA A 260 -14.74 1.41 -27.33
CA ALA A 260 -13.62 0.88 -28.12
C ALA A 260 -12.29 1.39 -27.57
N VAL A 261 -11.26 0.56 -27.70
CA VAL A 261 -9.93 0.94 -27.21
C VAL A 261 -9.48 2.25 -27.83
N LEU A 262 -9.61 2.37 -29.15
CA LEU A 262 -9.17 3.59 -29.82
C LEU A 262 -10.11 4.76 -29.55
N ASP A 263 -11.36 4.48 -29.16
CA ASP A 263 -12.23 5.51 -28.59
C ASP A 263 -11.65 6.04 -27.29
N MET A 264 -11.27 5.15 -26.39
CA MET A 264 -10.64 5.58 -25.14
C MET A 264 -9.32 6.28 -25.40
N CYS A 265 -8.58 5.87 -26.45
CA CYS A 265 -7.31 6.53 -26.77
C CYS A 265 -7.54 7.99 -27.14
N ALA A 266 -8.67 8.28 -27.80
CA ALA A 266 -9.02 9.65 -28.12
C ALA A 266 -9.27 10.47 -26.86
N SER A 267 -9.87 9.87 -25.83
CA SER A 267 -10.02 10.56 -24.55
C SER A 267 -8.68 10.90 -23.94
N LEU A 268 -7.75 9.93 -23.94
CA LEU A 268 -6.42 10.20 -23.40
C LEU A 268 -5.72 11.30 -24.19
N LYS A 269 -5.83 11.28 -25.51
CA LYS A 269 -5.26 12.38 -26.29
C LYS A 269 -5.76 13.73 -25.79
N GLU A 270 -7.06 13.83 -25.49
CA GLU A 270 -7.65 15.09 -25.04
C GLU A 270 -7.19 15.48 -23.63
N LEU A 271 -7.08 14.51 -22.74
CA LEU A 271 -6.62 14.80 -21.39
C LEU A 271 -5.19 15.31 -21.40
N LEU A 272 -4.40 14.91 -22.39
CA LEU A 272 -3.01 15.36 -22.42
C LEU A 272 -2.94 16.84 -22.77
N GLN A 273 -3.81 17.31 -23.67
CA GLN A 273 -3.73 18.71 -24.08
C GLN A 273 -4.45 19.65 -23.11
N ASN A 274 -5.47 19.18 -22.41
CA ASN A 274 -6.27 20.06 -21.55
C ASN A 274 -5.92 19.97 -20.08
N GLY A 275 -5.33 18.88 -19.63
CA GLY A 275 -5.18 18.66 -18.21
C GLY A 275 -6.50 18.24 -17.60
N MET A 276 -6.51 18.21 -16.26
CA MET A 276 -7.70 17.80 -15.52
C MET A 276 -8.71 18.94 -15.35
N ASN A 277 -8.24 20.18 -15.37
CA ASN A 277 -9.06 21.36 -15.11
C ASN A 277 -9.85 21.18 -13.80
N GLY A 278 -9.10 21.04 -12.71
CA GLY A 278 -9.69 20.93 -11.39
C GLY A 278 -10.29 19.58 -11.07
N ARG A 279 -10.88 18.93 -12.07
CA ARG A 279 -11.55 17.65 -11.85
C ARG A 279 -10.54 16.58 -11.45
N THR A 280 -11.08 15.44 -11.00
CA THR A 280 -10.27 14.29 -10.62
C THR A 280 -10.86 13.04 -11.24
N ILE A 281 -9.98 12.13 -11.64
CA ILE A 281 -10.37 10.81 -12.10
C ILE A 281 -10.04 9.82 -10.98
N LEU A 282 -11.07 9.12 -10.47
CA LEU A 282 -10.90 8.20 -9.35
C LEU A 282 -10.08 8.82 -8.21
N GLY A 283 -10.45 10.05 -7.83
CA GLY A 283 -9.81 10.76 -6.73
C GLY A 283 -8.33 11.04 -6.94
N SER A 284 -7.99 11.57 -8.10
CA SER A 284 -6.60 11.83 -8.45
C SER A 284 -6.56 12.86 -9.58
N ALA A 285 -5.79 13.93 -9.38
CA ALA A 285 -5.58 14.95 -10.39
C ALA A 285 -4.37 14.68 -11.25
N LEU A 286 -3.76 13.51 -11.07
CA LEU A 286 -2.72 13.01 -11.97
C LEU A 286 -3.24 11.77 -12.69
N LEU A 287 -2.72 11.53 -13.89
CA LEU A 287 -3.02 10.30 -14.61
C LEU A 287 -2.16 9.15 -14.07
N GLU A 288 -2.81 8.13 -13.50
CA GLU A 288 -2.15 7.02 -12.83
C GLU A 288 -1.71 5.93 -13.82
N ASP A 289 -0.42 5.54 -13.76
CA ASP A 289 0.06 4.51 -14.68
C ASP A 289 0.63 3.27 -13.98
N GLU A 290 0.32 3.05 -12.70
CA GLU A 290 0.85 1.87 -12.01
C GLU A 290 -0.28 0.94 -11.59
N PHE A 291 -1.27 0.85 -12.47
CA PHE A 291 -2.41 -0.05 -12.33
C PHE A 291 -2.59 -0.72 -13.70
N THR A 292 -2.33 -2.02 -13.78
CA THR A 292 -2.31 -2.74 -15.06
C THR A 292 -3.71 -3.17 -15.49
N PRO A 293 -3.90 -3.49 -16.77
CA PRO A 293 -5.16 -4.11 -17.20
C PRO A 293 -5.55 -5.32 -16.36
N PHE A 294 -4.58 -6.17 -16.04
CA PHE A 294 -4.84 -7.31 -15.18
C PHE A 294 -5.30 -6.85 -13.79
N ASP A 295 -4.62 -5.86 -13.21
CA ASP A 295 -5.04 -5.35 -11.91
C ASP A 295 -6.48 -4.86 -11.93
N VAL A 296 -6.86 -4.15 -13.00
CA VAL A 296 -8.21 -3.60 -13.09
C VAL A 296 -9.24 -4.74 -13.13
N VAL A 297 -9.04 -5.69 -14.04
CA VAL A 297 -9.96 -6.82 -14.18
C VAL A 297 -10.12 -7.57 -12.87
N ARG A 298 -9.04 -7.68 -12.09
CA ARG A 298 -9.08 -8.37 -10.81
C ARG A 298 -9.98 -7.65 -9.82
N GLN A 299 -9.57 -6.43 -9.42
CA GLN A 299 -10.30 -5.63 -8.43
C GLN A 299 -11.69 -5.12 -8.94
N CYS A 300 -12.15 -5.71 -10.04
CA CYS A 300 -13.54 -5.63 -10.49
C CYS A 300 -14.20 -6.99 -10.28
N SER A 301 -14.68 -7.58 -11.38
CA SER A 301 -15.35 -8.89 -11.36
C SER A 301 -16.46 -8.95 -10.32
N SER B 1 15.69 8.97 -0.02
CA SER B 1 15.87 7.57 -0.35
C SER B 1 14.59 6.98 -0.97
N GLY B 2 13.62 7.84 -1.22
CA GLY B 2 12.34 7.44 -1.76
C GLY B 2 11.22 7.56 -0.73
N PHE B 3 10.01 7.81 -1.23
CA PHE B 3 8.85 8.03 -0.38
C PHE B 3 7.60 7.48 -1.06
N ARG B 4 6.85 6.66 -0.33
CA ARG B 4 5.61 6.10 -0.86
C ARG B 4 4.62 5.90 0.27
N LYS B 5 3.33 5.90 -0.08
CA LYS B 5 2.30 5.52 0.89
C LYS B 5 2.49 4.06 1.27
N MET B 6 2.94 3.82 2.49
CA MET B 6 3.28 2.48 2.95
C MET B 6 2.22 1.99 3.92
N ALA B 7 1.83 0.74 3.78
CA ALA B 7 1.02 0.05 4.77
C ALA B 7 1.91 -0.77 5.71
N PHE B 8 1.38 -1.07 6.88
CA PHE B 8 2.05 -2.01 7.75
C PHE B 8 2.03 -3.42 7.16
N PRO B 9 3.04 -4.23 7.45
CA PRO B 9 2.99 -5.65 7.08
C PRO B 9 1.78 -6.28 7.73
N SER B 10 1.00 -7.03 6.93
CA SER B 10 -0.32 -7.50 7.33
C SER B 10 -0.32 -8.91 7.90
N GLY B 11 0.84 -9.58 7.94
CA GLY B 11 0.88 -10.97 8.38
C GLY B 11 0.18 -11.25 9.70
N LYS B 12 0.44 -10.41 10.72
CA LYS B 12 -0.15 -10.67 12.03
C LYS B 12 -1.68 -10.62 11.99
N VAL B 13 -2.25 -9.81 11.09
CA VAL B 13 -3.71 -9.76 10.96
C VAL B 13 -4.25 -10.86 10.04
N GLU B 14 -3.50 -11.27 9.02
CA GLU B 14 -3.97 -12.33 8.12
C GLU B 14 -4.28 -13.61 8.90
N GLY B 15 -3.48 -13.91 9.93
CA GLY B 15 -3.73 -15.07 10.76
C GLY B 15 -4.96 -14.99 11.63
N CYS B 16 -5.73 -13.92 11.52
CA CYS B 16 -6.91 -13.72 12.36
C CYS B 16 -8.19 -13.67 11.56
N MET B 17 -8.11 -13.68 10.24
CA MET B 17 -9.29 -13.47 9.42
C MET B 17 -10.02 -14.79 9.20
N VAL B 18 -11.34 -14.77 9.39
CA VAL B 18 -12.20 -15.93 9.24
C VAL B 18 -13.46 -15.48 8.51
N GLN B 19 -14.23 -16.46 8.07
CA GLN B 19 -15.46 -16.23 7.34
C GLN B 19 -16.65 -16.48 8.27
N VAL B 20 -17.58 -15.52 8.33
CA VAL B 20 -18.77 -15.64 9.17
C VAL B 20 -20.01 -15.64 8.28
N THR B 21 -20.86 -16.66 8.41
CA THR B 21 -22.11 -16.75 7.64
C THR B 21 -23.29 -16.84 8.59
N CYS B 22 -24.29 -16.00 8.37
CA CYS B 22 -25.58 -16.12 9.04
C CYS B 22 -26.66 -16.03 7.97
N GLY B 23 -27.51 -17.05 7.88
CA GLY B 23 -28.47 -17.09 6.79
C GLY B 23 -27.74 -17.18 5.46
N THR B 24 -28.06 -16.25 4.56
CA THR B 24 -27.35 -16.18 3.30
C THR B 24 -26.25 -15.14 3.28
N THR B 25 -26.14 -14.31 4.32
CA THR B 25 -25.11 -13.29 4.38
C THR B 25 -23.79 -13.87 4.87
N THR B 26 -22.73 -13.59 4.13
CA THR B 26 -21.37 -14.00 4.47
C THR B 26 -20.49 -12.77 4.47
N LEU B 27 -19.72 -12.59 5.54
CA LEU B 27 -18.75 -11.51 5.59
C LEU B 27 -17.54 -11.97 6.40
N ASN B 28 -16.68 -11.03 6.73
CA ASN B 28 -15.42 -11.32 7.40
C ASN B 28 -15.57 -11.14 8.90
N GLY B 29 -14.85 -11.97 9.65
CA GLY B 29 -14.75 -11.82 11.08
C GLY B 29 -13.30 -11.85 11.52
N LEU B 30 -13.07 -11.30 12.70
CA LEU B 30 -11.71 -11.19 13.27
C LEU B 30 -11.62 -12.16 14.44
N TRP B 31 -10.76 -13.19 14.31
CA TRP B 31 -10.64 -14.24 15.33
C TRP B 31 -9.43 -13.96 16.23
N LEU B 32 -9.71 -13.63 17.49
CA LEU B 32 -8.69 -13.26 18.46
C LEU B 32 -9.00 -14.01 19.75
N ASP B 33 -8.01 -14.68 20.33
CA ASP B 33 -8.27 -15.52 21.50
C ASP B 33 -9.44 -16.44 21.13
N ASP B 34 -10.49 -16.52 21.93
CA ASP B 34 -11.61 -17.41 21.60
C ASP B 34 -12.88 -16.66 21.23
N VAL B 35 -12.77 -15.49 20.59
CA VAL B 35 -13.93 -14.71 20.15
C VAL B 35 -13.73 -14.32 18.69
N VAL B 36 -14.82 -14.33 17.93
CA VAL B 36 -14.81 -13.80 16.58
C VAL B 36 -15.65 -12.52 16.57
N TYR B 37 -15.05 -11.43 16.10
CA TYR B 37 -15.70 -10.12 16.03
C TYR B 37 -16.13 -9.88 14.60
N CYS B 38 -17.38 -9.46 14.39
CA CYS B 38 -17.83 -9.10 13.05
C CYS B 38 -18.97 -8.08 13.16
N PRO B 39 -19.36 -7.46 12.04
CA PRO B 39 -20.49 -6.51 12.07
C PRO B 39 -21.79 -7.21 12.45
N ARG B 40 -22.55 -6.59 13.37
CA ARG B 40 -23.78 -7.21 13.81
C ARG B 40 -24.82 -7.31 12.70
N HIS B 41 -24.72 -6.50 11.63
CA HIS B 41 -25.75 -6.60 10.61
C HIS B 41 -25.68 -7.92 9.83
N VAL B 42 -24.75 -8.82 10.15
CA VAL B 42 -24.76 -10.16 9.57
C VAL B 42 -26.01 -10.93 9.96
N ILE B 43 -26.70 -10.52 11.03
CA ILE B 43 -27.89 -11.25 11.48
C ILE B 43 -29.17 -10.75 10.83
N CYS B 44 -29.08 -9.76 9.95
CA CYS B 44 -30.25 -9.17 9.31
C CYS B 44 -30.65 -9.92 8.06
N THR B 45 -31.96 -10.12 7.90
CA THR B 45 -32.54 -10.61 6.66
C THR B 45 -33.00 -9.41 5.82
N SER B 46 -33.69 -9.67 4.71
CA SER B 46 -34.07 -8.60 3.80
C SER B 46 -35.10 -7.67 4.43
N GLU B 47 -36.06 -8.22 5.20
CA GLU B 47 -37.13 -7.40 5.74
C GLU B 47 -36.63 -6.51 6.89
N ASP B 48 -35.71 -7.02 7.70
CA ASP B 48 -35.19 -6.26 8.84
C ASP B 48 -34.35 -5.07 8.41
N MET B 49 -33.79 -5.10 7.19
CA MET B 49 -32.76 -4.15 6.81
C MET B 49 -33.20 -2.69 6.94
N LEU B 50 -34.50 -2.43 6.76
CA LEU B 50 -34.97 -1.04 6.73
C LEU B 50 -34.81 -0.37 8.09
N ASN B 51 -35.49 -0.89 9.12
CA ASN B 51 -35.19 -0.55 10.51
C ASN B 51 -35.13 -1.84 11.29
N PRO B 52 -33.94 -2.40 11.51
CA PRO B 52 -33.83 -3.66 12.25
C PRO B 52 -33.78 -3.42 13.76
N ASN B 53 -34.54 -4.20 14.49
CA ASN B 53 -34.41 -4.25 15.94
C ASN B 53 -33.33 -5.29 16.22
N TYR B 54 -32.11 -4.84 16.50
CA TYR B 54 -31.02 -5.78 16.71
C TYR B 54 -31.16 -6.52 18.04
N GLU B 55 -31.75 -5.87 19.04
CA GLU B 55 -32.00 -6.54 20.32
C GLU B 55 -32.80 -7.83 20.10
N ASP B 56 -33.96 -7.72 19.46
CA ASP B 56 -34.81 -8.89 19.25
C ASP B 56 -34.25 -9.83 18.17
N LEU B 57 -33.49 -9.29 17.21
CA LEU B 57 -32.92 -10.17 16.19
C LEU B 57 -31.91 -11.15 16.79
N LEU B 58 -31.16 -10.72 17.81
CA LEU B 58 -30.11 -11.57 18.37
C LEU B 58 -30.63 -12.50 19.45
N ILE B 59 -31.65 -12.08 20.21
CA ILE B 59 -32.34 -13.00 21.11
C ILE B 59 -32.80 -14.23 20.34
N ARG B 60 -33.38 -14.01 19.16
CA ARG B 60 -33.95 -15.11 18.37
C ARG B 60 -32.87 -16.00 17.77
N LYS B 61 -31.65 -15.49 17.58
CA LYS B 61 -30.57 -16.28 17.01
C LYS B 61 -30.01 -17.30 18.01
N SER B 62 -29.59 -18.44 17.49
CA SER B 62 -28.92 -19.46 18.28
C SER B 62 -27.46 -19.60 17.85
N ASN B 63 -26.66 -20.23 18.71
CA ASN B 63 -25.25 -20.44 18.39
C ASN B 63 -25.09 -21.17 17.06
N HIS B 64 -25.95 -22.15 16.79
CA HIS B 64 -25.80 -22.93 15.56
C HIS B 64 -26.22 -22.16 14.32
N ASN B 65 -26.80 -20.95 14.47
CA ASN B 65 -27.11 -20.11 13.32
C ASN B 65 -25.90 -19.45 12.71
N PHE B 66 -24.76 -19.46 13.40
CA PHE B 66 -23.54 -18.81 12.91
C PHE B 66 -22.58 -19.87 12.43
N LEU B 67 -22.25 -19.84 11.14
CA LEU B 67 -21.17 -20.64 10.59
C LEU B 67 -19.91 -19.79 10.54
N VAL B 68 -18.89 -20.21 11.29
CA VAL B 68 -17.58 -19.56 11.31
C VAL B 68 -16.59 -20.54 10.69
N GLN B 69 -15.88 -20.11 9.65
CA GLN B 69 -14.94 -20.98 8.96
C GLN B 69 -13.57 -20.32 8.94
N ALA B 70 -12.58 -21.05 9.43
CA ALA B 70 -11.18 -20.67 9.32
C ALA B 70 -10.56 -21.64 8.33
N GLY B 71 -10.50 -21.22 7.05
CA GLY B 71 -10.11 -22.16 6.00
C GLY B 71 -11.07 -23.33 5.94
N ASN B 72 -10.52 -24.54 5.98
CA ASN B 72 -11.35 -25.73 5.97
C ASN B 72 -12.00 -26.00 7.32
N VAL B 73 -11.41 -25.48 8.40
CA VAL B 73 -11.89 -25.77 9.76
C VAL B 73 -13.12 -24.94 10.05
N GLN B 74 -14.15 -25.58 10.57
CA GLN B 74 -15.30 -24.88 11.13
C GLN B 74 -15.10 -24.72 12.63
N LEU B 75 -15.16 -23.47 13.09
CA LEU B 75 -15.11 -23.19 14.51
C LEU B 75 -16.51 -23.31 15.09
N ARG B 76 -16.63 -24.01 16.21
CA ARG B 76 -17.93 -24.16 16.85
C ARG B 76 -18.22 -22.94 17.71
N VAL B 77 -19.36 -22.31 17.47
CA VAL B 77 -19.78 -21.16 18.26
C VAL B 77 -20.49 -21.66 19.51
N ILE B 78 -19.99 -21.24 20.68
CA ILE B 78 -20.54 -21.66 21.96
C ILE B 78 -21.13 -20.49 22.74
N GLY B 79 -21.22 -19.32 22.12
CA GLY B 79 -21.90 -18.19 22.74
C GLY B 79 -21.93 -17.04 21.76
N HIS B 80 -22.85 -16.11 22.02
CA HIS B 80 -22.91 -14.93 21.18
C HIS B 80 -23.44 -13.76 22.01
N SER B 81 -22.88 -12.59 21.75
CA SER B 81 -23.30 -11.37 22.42
C SER B 81 -23.03 -10.21 21.49
N MET B 82 -23.50 -9.03 21.89
CA MET B 82 -23.42 -7.83 21.07
C MET B 82 -22.80 -6.72 21.90
N GLN B 83 -21.84 -6.04 21.32
CA GLN B 83 -21.25 -4.85 21.95
C GLN B 83 -21.43 -3.72 20.94
N ASN B 84 -22.40 -2.85 21.21
CA ASN B 84 -22.76 -1.79 20.29
C ASN B 84 -23.04 -2.43 18.92
N CYS B 85 -22.35 -2.01 17.86
CA CYS B 85 -22.66 -2.51 16.52
C CYS B 85 -21.83 -3.71 16.11
N VAL B 86 -21.04 -4.26 17.02
CA VAL B 86 -20.17 -5.39 16.73
C VAL B 86 -20.72 -6.64 17.40
N LEU B 87 -20.74 -7.75 16.67
CA LEU B 87 -21.15 -9.03 17.21
C LEU B 87 -19.93 -9.78 17.73
N LYS B 88 -20.04 -10.36 18.92
CA LYS B 88 -18.98 -11.18 19.49
C LYS B 88 -19.45 -12.63 19.50
N LEU B 89 -18.72 -13.50 18.83
CA LEU B 89 -19.06 -14.92 18.79
C LEU B 89 -18.00 -15.67 19.57
N LYS B 90 -18.39 -16.27 20.69
CA LYS B 90 -17.46 -17.11 21.44
C LYS B 90 -17.34 -18.46 20.74
N VAL B 91 -16.13 -18.87 20.42
CA VAL B 91 -15.86 -20.18 19.83
C VAL B 91 -15.11 -21.04 20.86
N ASP B 92 -15.04 -22.33 20.58
CA ASP B 92 -14.49 -23.30 21.52
C ASP B 92 -12.98 -23.44 21.42
N THR B 93 -12.32 -22.62 20.60
CA THR B 93 -10.89 -22.78 20.34
C THR B 93 -10.26 -21.40 20.22
N ALA B 94 -9.25 -21.13 21.05
CA ALA B 94 -8.52 -19.87 20.93
C ALA B 94 -7.70 -19.91 19.65
N ASN B 95 -7.58 -18.76 18.99
CA ASN B 95 -6.78 -18.70 17.78
C ASN B 95 -5.30 -18.86 18.13
N PRO B 96 -4.64 -19.93 17.68
CA PRO B 96 -3.21 -20.07 18.00
C PRO B 96 -2.34 -19.02 17.37
N LYS B 97 -2.82 -18.32 16.35
CA LYS B 97 -2.09 -17.24 15.71
C LYS B 97 -2.43 -15.86 16.29
N THR B 98 -3.15 -15.81 17.41
CA THR B 98 -3.52 -14.53 18.01
C THR B 98 -2.25 -13.73 18.26
N PRO B 99 -2.11 -12.54 17.69
CA PRO B 99 -0.93 -11.73 17.99
C PRO B 99 -1.15 -10.97 19.29
N LYS B 100 -0.07 -10.35 19.77
N LYS B 100 -0.08 -10.33 19.75
CA LYS B 100 -0.22 -9.30 20.77
CA LYS B 100 -0.20 -9.29 20.76
C LYS B 100 -1.05 -8.17 20.15
C LYS B 100 -1.00 -8.11 20.19
N TYR B 101 -2.11 -7.77 20.83
CA TYR B 101 -3.01 -6.76 20.26
C TYR B 101 -3.75 -6.00 21.34
N LYS B 102 -4.30 -4.85 20.94
CA LYS B 102 -5.29 -4.14 21.74
C LYS B 102 -6.27 -3.42 20.80
N PHE B 103 -7.42 -3.04 21.36
CA PHE B 103 -8.41 -2.24 20.66
C PHE B 103 -8.21 -0.77 20.99
N VAL B 104 -8.08 0.06 19.96
CA VAL B 104 -7.95 1.50 20.15
C VAL B 104 -8.95 2.21 19.25
N ARG B 105 -9.35 3.39 19.66
CA ARG B 105 -10.17 4.28 18.85
C ARG B 105 -9.30 5.43 18.36
N ILE B 106 -9.33 5.71 17.06
CA ILE B 106 -8.50 6.76 16.50
C ILE B 106 -9.31 8.04 16.31
N GLN B 107 -8.62 9.12 16.01
N GLN B 107 -8.62 9.13 16.00
CA GLN B 107 -9.24 10.41 15.73
CA GLN B 107 -9.20 10.43 15.72
C GLN B 107 -9.19 10.70 14.24
C GLN B 107 -9.20 10.70 14.23
N PRO B 108 -10.07 11.59 13.74
CA PRO B 108 -10.00 11.98 12.33
C PRO B 108 -8.63 12.53 12.01
N GLY B 109 -8.14 12.19 10.82
CA GLY B 109 -6.82 12.57 10.40
C GLY B 109 -5.74 11.56 10.74
N GLN B 110 -6.01 10.62 11.65
CA GLN B 110 -5.04 9.57 11.89
C GLN B 110 -5.14 8.52 10.80
N THR B 111 -4.02 7.86 10.54
CA THR B 111 -3.88 6.87 9.49
C THR B 111 -3.77 5.47 10.06
N PHE B 112 -4.10 4.49 9.21
CA PHE B 112 -3.98 3.09 9.56
C PHE B 112 -3.99 2.30 8.26
N SER B 113 -3.65 1.02 8.38
CA SER B 113 -3.71 0.07 7.27
C SER B 113 -5.00 -0.73 7.34
N VAL B 114 -5.57 -1.00 6.18
CA VAL B 114 -6.73 -1.88 6.08
C VAL B 114 -6.28 -3.15 5.37
N LEU B 115 -6.62 -4.29 5.94
CA LEU B 115 -6.48 -5.58 5.26
C LEU B 115 -7.84 -5.90 4.65
N ALA B 116 -7.97 -5.65 3.34
CA ALA B 116 -9.24 -5.88 2.65
C ALA B 116 -9.43 -7.38 2.41
N CYS B 117 -10.55 -7.91 2.91
CA CYS B 117 -10.82 -9.33 2.80
C CYS B 117 -12.14 -9.54 2.09
N TYR B 118 -12.31 -10.73 1.53
CA TYR B 118 -13.59 -11.14 0.96
C TYR B 118 -13.82 -12.60 1.32
N ASN B 119 -14.99 -12.86 1.94
CA ASN B 119 -15.39 -14.21 2.36
C ASN B 119 -14.35 -14.83 3.27
N GLY B 120 -13.73 -14.00 4.09
CA GLY B 120 -12.77 -14.47 5.06
C GLY B 120 -11.33 -14.49 4.59
N SER B 121 -11.07 -14.27 3.29
CA SER B 121 -9.73 -14.41 2.72
C SER B 121 -9.09 -13.06 2.51
N PRO B 122 -7.90 -12.81 3.05
CA PRO B 122 -7.22 -11.54 2.78
C PRO B 122 -6.95 -11.37 1.29
N SER B 123 -7.35 -10.23 0.75
CA SER B 123 -7.16 -9.90 -0.66
C SER B 123 -6.09 -8.85 -0.89
N GLY B 124 -6.01 -7.83 -0.05
CA GLY B 124 -5.04 -6.76 -0.27
C GLY B 124 -4.92 -5.89 0.97
N VAL B 125 -3.91 -5.03 0.95
CA VAL B 125 -3.66 -4.13 2.07
C VAL B 125 -3.37 -2.73 1.52
N TYR B 126 -3.91 -1.72 2.18
CA TYR B 126 -3.69 -0.35 1.76
C TYR B 126 -3.68 0.56 2.99
N GLN B 127 -3.01 1.69 2.84
CA GLN B 127 -2.90 2.68 3.91
C GLN B 127 -3.95 3.76 3.65
N CYS B 128 -4.61 4.22 4.71
CA CYS B 128 -5.62 5.25 4.53
C CYS B 128 -5.68 6.12 5.78
N ALA B 129 -6.49 7.18 5.71
CA ALA B 129 -6.75 8.04 6.85
C ALA B 129 -8.24 8.01 7.15
N MET B 130 -8.55 8.13 8.45
CA MET B 130 -9.89 8.51 8.90
C MET B 130 -10.12 9.95 8.45
N ARG B 131 -11.07 10.15 7.54
CA ARG B 131 -11.29 11.50 7.05
C ARG B 131 -11.95 12.35 8.14
N PRO B 132 -11.85 13.67 8.04
CA PRO B 132 -12.55 14.52 9.01
C PRO B 132 -14.06 14.30 9.03
N ASN B 133 -14.66 13.82 7.94
CA ASN B 133 -16.09 13.51 7.92
C ASN B 133 -16.38 12.07 8.36
N PHE B 134 -15.37 11.36 8.90
CA PHE B 134 -15.46 10.03 9.51
C PHE B 134 -15.74 8.94 8.50
N THR B 135 -15.39 9.15 7.25
CA THR B 135 -15.43 8.12 6.23
C THR B 135 -14.01 7.71 5.91
N ILE B 136 -13.89 6.57 5.22
CA ILE B 136 -12.61 6.08 4.72
C ILE B 136 -12.66 6.11 3.20
N LYS B 137 -11.67 6.74 2.60
CA LYS B 137 -11.54 6.76 1.14
C LYS B 137 -10.63 5.62 0.71
N GLY B 138 -10.98 4.43 1.17
CA GLY B 138 -10.52 3.22 0.56
C GLY B 138 -11.61 2.70 -0.34
N SER B 139 -11.28 1.67 -1.10
CA SER B 139 -12.32 0.92 -1.81
C SER B 139 -11.93 -0.55 -1.77
N PHE B 140 -12.69 -1.28 -0.99
CA PHE B 140 -12.93 -2.69 -1.18
C PHE B 140 -14.41 -2.88 -1.52
N LEU B 141 -14.71 -3.92 -2.29
CA LEU B 141 -16.05 -4.09 -2.85
C LEU B 141 -17.08 -4.46 -1.79
N ASN B 142 -18.16 -5.12 -2.21
CA ASN B 142 -19.30 -5.33 -1.32
C ASN B 142 -18.97 -6.30 -0.20
N GLY B 143 -18.38 -7.45 -0.55
CA GLY B 143 -18.14 -8.50 0.42
C GLY B 143 -17.06 -8.22 1.45
N SER B 144 -16.58 -6.99 1.53
CA SER B 144 -15.47 -6.69 2.42
C SER B 144 -15.90 -6.20 3.79
N CYS B 145 -17.21 -6.17 4.11
CA CYS B 145 -17.65 -5.90 5.48
C CYS B 145 -16.94 -6.81 6.47
N GLY B 146 -16.50 -6.23 7.59
CA GLY B 146 -15.72 -6.97 8.56
C GLY B 146 -14.23 -6.92 8.36
N SER B 147 -13.74 -6.37 7.25
CA SER B 147 -12.32 -6.10 7.12
C SER B 147 -11.90 -5.08 8.16
N VAL B 148 -10.65 -5.16 8.59
CA VAL B 148 -10.25 -4.37 9.75
C VAL B 148 -9.08 -3.48 9.42
N GLY B 149 -9.05 -2.35 10.13
CA GLY B 149 -7.95 -1.40 10.06
C GLY B 149 -7.14 -1.47 11.34
N PHE B 150 -5.84 -1.20 11.22
CA PHE B 150 -4.91 -1.48 12.31
C PHE B 150 -3.63 -0.68 12.11
N ASN B 151 -2.94 -0.47 13.21
CA ASN B 151 -1.57 0.00 13.24
C ASN B 151 -0.74 -1.04 13.98
N ILE B 152 0.56 -1.04 13.74
CA ILE B 152 1.47 -1.92 14.46
C ILE B 152 2.48 -1.05 15.19
N ASP B 153 2.55 -1.22 16.50
CA ASP B 153 3.41 -0.40 17.36
C ASP B 153 4.29 -1.34 18.16
N TYR B 154 5.60 -1.24 17.94
CA TYR B 154 6.56 -2.26 18.32
C TYR B 154 6.15 -3.59 17.69
N ASP B 155 5.64 -4.53 18.50
CA ASP B 155 5.11 -5.80 18.01
C ASP B 155 3.63 -5.95 18.33
N CYS B 156 3.00 -4.89 18.81
CA CYS B 156 1.60 -4.92 19.19
C CYS B 156 0.74 -4.44 18.03
N VAL B 157 -0.28 -5.20 17.70
CA VAL B 157 -1.26 -4.77 16.69
C VAL B 157 -2.33 -3.96 17.41
N SER B 158 -2.53 -2.72 16.98
CA SER B 158 -3.64 -1.91 17.48
C SER B 158 -4.78 -1.89 16.46
N PHE B 159 -5.87 -2.60 16.76
CA PHE B 159 -7.04 -2.61 15.87
C PHE B 159 -7.88 -1.37 16.15
N CYS B 160 -8.13 -0.54 15.13
CA CYS B 160 -8.88 0.69 15.27
C CYS B 160 -10.14 0.75 14.45
N TYR B 161 -10.38 -0.19 13.54
CA TYR B 161 -11.48 0.00 12.61
C TYR B 161 -12.02 -1.33 12.12
N MET B 162 -13.34 -1.38 11.93
CA MET B 162 -13.98 -2.49 11.24
C MET B 162 -14.97 -1.93 10.22
N HIS B 163 -14.84 -2.41 8.99
CA HIS B 163 -15.73 -1.99 7.91
C HIS B 163 -17.12 -2.58 8.08
N HIS B 164 -18.14 -1.71 8.05
CA HIS B 164 -19.56 -2.10 8.06
C HIS B 164 -20.30 -1.81 6.77
N MET B 165 -20.05 -0.71 6.07
CA MET B 165 -20.92 -0.37 4.95
C MET B 165 -20.21 0.55 3.97
N GLU B 166 -20.70 0.54 2.73
CA GLU B 166 -20.27 1.50 1.71
C GLU B 166 -21.35 2.55 1.57
N LEU B 167 -20.93 3.81 1.49
CA LEU B 167 -21.88 4.91 1.36
C LEU B 167 -22.12 5.21 -0.11
N PRO B 168 -23.19 5.96 -0.44
CA PRO B 168 -23.53 6.17 -1.86
C PRO B 168 -22.38 6.65 -2.73
N THR B 169 -21.42 7.41 -2.19
CA THR B 169 -20.31 7.89 -3.00
C THR B 169 -19.18 6.88 -3.17
N GLY B 170 -19.25 5.73 -2.52
CA GLY B 170 -18.19 4.74 -2.62
C GLY B 170 -17.16 4.79 -1.51
N VAL B 171 -17.25 5.77 -0.60
CA VAL B 171 -16.45 5.73 0.61
C VAL B 171 -17.12 4.80 1.62
N HIS B 172 -16.34 4.36 2.60
N HIS B 172 -16.33 4.28 2.56
CA HIS B 172 -16.79 3.35 3.52
CA HIS B 172 -16.92 3.33 3.49
C HIS B 172 -16.93 3.95 4.92
C HIS B 172 -16.87 3.86 4.91
N ALA B 173 -17.81 3.34 5.71
CA ALA B 173 -18.00 3.75 7.10
C ALA B 173 -18.00 2.51 7.97
N GLY B 174 -17.61 2.69 9.25
CA GLY B 174 -17.40 1.56 10.12
C GLY B 174 -17.27 2.00 11.57
N THR B 175 -16.86 1.05 12.40
CA THR B 175 -16.80 1.23 13.84
C THR B 175 -15.38 0.97 14.32
N ASP B 176 -15.13 1.27 15.60
CA ASP B 176 -13.96 0.70 16.27
C ASP B 176 -14.29 -0.74 16.66
N LEU B 177 -13.34 -1.44 17.26
CA LEU B 177 -13.58 -2.86 17.59
C LEU B 177 -14.44 -3.05 18.82
N GLU B 178 -14.79 -1.97 19.52
CA GLU B 178 -15.85 -2.01 20.52
C GLU B 178 -17.22 -1.66 19.95
N GLY B 179 -17.32 -1.49 18.63
CA GLY B 179 -18.61 -1.33 17.97
C GLY B 179 -19.18 0.07 17.91
N ASN B 180 -18.43 1.08 18.35
CA ASN B 180 -18.87 2.46 18.26
C ASN B 180 -18.59 2.99 16.86
N PHE B 181 -19.60 3.58 16.23
CA PHE B 181 -19.39 4.11 14.88
C PHE B 181 -18.42 5.28 14.92
N TYR B 182 -17.59 5.37 13.90
CA TYR B 182 -16.98 6.64 13.55
C TYR B 182 -17.98 7.40 12.68
N GLY B 183 -18.37 8.59 13.12
CA GLY B 183 -19.24 9.43 12.33
C GLY B 183 -20.70 9.21 12.62
N PRO B 184 -21.54 10.08 12.06
CA PRO B 184 -22.98 10.05 12.35
C PRO B 184 -23.76 9.03 11.52
N PHE B 185 -23.31 7.78 11.55
CA PHE B 185 -23.86 6.72 10.72
C PHE B 185 -24.52 5.65 11.58
N VAL B 186 -25.44 4.92 10.96
CA VAL B 186 -26.20 3.86 11.60
C VAL B 186 -26.14 2.64 10.68
N ASP B 187 -26.18 1.43 11.26
CA ASP B 187 -26.08 0.23 10.42
C ASP B 187 -27.47 -0.26 10.03
N ARG B 188 -28.12 0.57 9.22
CA ARG B 188 -29.41 0.28 8.61
C ARG B 188 -29.41 0.80 7.19
N GLN B 189 -30.14 0.10 6.32
CA GLN B 189 -30.35 0.56 4.94
C GLN B 189 -31.35 1.72 4.97
N THR B 190 -30.84 2.91 5.30
CA THR B 190 -31.61 4.13 5.26
C THR B 190 -30.84 5.21 4.50
N ALA B 191 -31.33 6.45 4.56
CA ALA B 191 -30.76 7.55 3.77
C ALA B 191 -29.55 8.11 4.50
N GLN B 192 -28.35 7.75 4.03
CA GLN B 192 -27.10 8.18 4.64
C GLN B 192 -26.08 8.57 3.58
N ALA B 193 -25.42 9.69 3.78
CA ALA B 193 -24.31 10.11 2.91
C ALA B 193 -23.24 10.80 3.73
N ALA B 194 -22.04 10.88 3.16
CA ALA B 194 -20.91 11.52 3.82
C ALA B 194 -21.09 13.04 3.82
N GLY B 195 -20.85 13.66 4.97
CA GLY B 195 -20.78 15.12 5.04
C GLY B 195 -19.70 15.71 4.15
N THR B 196 -19.64 17.04 4.08
CA THR B 196 -18.54 17.65 3.35
C THR B 196 -17.23 17.29 4.02
N ASP B 197 -16.27 16.84 3.23
CA ASP B 197 -14.96 16.53 3.75
C ASP B 197 -14.10 17.80 3.79
N THR B 198 -13.05 17.74 4.61
CA THR B 198 -12.06 18.80 4.66
C THR B 198 -10.67 18.20 4.52
N THR B 199 -9.68 19.07 4.29
CA THR B 199 -8.30 18.63 4.17
C THR B 199 -7.66 18.59 5.56
N ILE B 200 -6.94 17.50 5.83
CA ILE B 200 -6.22 17.33 7.09
C ILE B 200 -4.95 18.15 7.04
N THR B 201 -5.04 19.39 7.53
CA THR B 201 -3.97 20.37 7.40
C THR B 201 -2.68 19.91 8.05
N VAL B 202 -2.77 19.30 9.25
CA VAL B 202 -1.55 18.89 9.93
C VAL B 202 -0.79 17.85 9.12
N ASN B 203 -1.49 16.99 8.39
CA ASN B 203 -0.81 16.00 7.55
C ASN B 203 -0.21 16.64 6.28
N VAL B 204 -0.86 17.65 5.71
CA VAL B 204 -0.27 18.37 4.56
C VAL B 204 1.05 19.01 4.95
N LEU B 205 1.09 19.68 6.11
CA LEU B 205 2.34 20.26 6.60
C LEU B 205 3.39 19.17 6.78
N ALA B 206 3.02 18.06 7.43
CA ALA B 206 3.94 16.92 7.57
C ALA B 206 4.50 16.50 6.23
N TRP B 207 3.65 16.43 5.22
CA TRP B 207 4.09 16.05 3.88
C TRP B 207 4.91 17.15 3.21
N LEU B 208 4.65 18.42 3.53
CA LEU B 208 5.53 19.50 3.06
C LEU B 208 6.91 19.39 3.68
N TYR B 209 6.97 19.06 4.98
CA TYR B 209 8.25 18.76 5.62
C TYR B 209 8.96 17.58 4.94
N ALA B 210 8.19 16.58 4.50
CA ALA B 210 8.78 15.46 3.76
C ALA B 210 9.36 15.92 2.43
N ALA B 211 8.65 16.80 1.72
CA ALA B 211 9.18 17.32 0.46
C ALA B 211 10.46 18.11 0.70
N VAL B 212 10.54 18.82 1.83
CA VAL B 212 11.74 19.57 2.16
C VAL B 212 12.89 18.62 2.47
N ILE B 213 12.61 17.52 3.18
CA ILE B 213 13.65 16.53 3.44
C ILE B 213 14.03 15.79 2.17
N ALA B 214 13.13 15.74 1.19
CA ALA B 214 13.46 15.21 -0.13
C ALA B 214 14.16 16.22 -1.01
N GLY B 215 14.44 17.42 -0.51
CA GLY B 215 15.05 18.47 -1.31
C GLY B 215 14.11 19.15 -2.28
N ASP B 216 12.86 18.75 -2.34
CA ASP B 216 11.86 19.50 -3.10
C ASP B 216 11.47 20.72 -2.27
N ARG B 217 11.97 21.91 -2.65
CA ARG B 217 11.85 23.06 -1.76
C ARG B 217 11.46 24.36 -2.45
N TRP B 218 10.99 24.33 -3.70
CA TRP B 218 10.60 25.56 -4.38
C TRP B 218 9.53 26.34 -3.62
N PHE B 219 8.76 25.70 -2.74
CA PHE B 219 7.62 26.34 -2.10
C PHE B 219 7.98 27.08 -0.82
N LEU B 220 9.14 26.81 -0.24
CA LEU B 220 9.57 27.54 0.94
C LEU B 220 9.70 29.02 0.64
N ASN B 221 9.24 29.85 1.56
CA ASN B 221 9.37 31.30 1.40
C ASN B 221 9.93 31.88 2.69
N ARG B 222 10.23 33.19 2.65
CA ARG B 222 10.85 33.83 3.81
C ARG B 222 9.84 34.14 4.90
N PHE B 223 8.55 33.99 4.65
CA PHE B 223 7.56 34.62 5.51
C PHE B 223 7.08 33.67 6.59
N THR B 224 6.45 34.28 7.60
N THR B 224 6.49 34.26 7.63
CA THR B 224 5.86 33.61 8.74
CA THR B 224 5.81 33.46 8.63
C THR B 224 4.49 34.21 8.98
C THR B 224 4.51 34.16 8.99
N THR B 225 3.49 33.35 9.25
CA THR B 225 2.15 33.81 9.52
C THR B 225 1.82 33.57 10.99
N THR B 226 0.61 33.96 11.37
CA THR B 226 0.11 33.66 12.70
C THR B 226 -0.89 32.51 12.59
N LEU B 227 -1.04 31.76 13.69
CA LEU B 227 -2.00 30.65 13.71
C LEU B 227 -3.42 31.14 13.46
N ASN B 228 -3.81 32.25 14.09
CA ASN B 228 -5.12 32.85 13.82
C ASN B 228 -5.26 33.20 12.35
N ASP B 229 -4.29 33.93 11.80
CA ASP B 229 -4.37 34.37 10.41
C ASP B 229 -4.35 33.18 9.45
N PHE B 230 -3.62 32.12 9.79
CA PHE B 230 -3.61 30.95 8.92
C PHE B 230 -4.94 30.21 8.95
N ASN B 231 -5.55 30.08 10.14
CA ASN B 231 -6.79 29.33 10.23
C ASN B 231 -7.92 30.04 9.50
N LEU B 232 -7.94 31.37 9.52
CA LEU B 232 -8.95 32.10 8.75
C LEU B 232 -8.84 31.76 7.27
N VAL B 233 -7.61 31.67 6.75
CA VAL B 233 -7.42 31.31 5.34
C VAL B 233 -7.77 29.85 5.13
N ALA B 234 -7.26 28.96 5.99
CA ALA B 234 -7.46 27.53 5.80
C ALA B 234 -8.94 27.16 5.90
N MET B 235 -9.63 27.72 6.90
CA MET B 235 -11.05 27.42 7.07
C MET B 235 -11.88 27.87 5.87
N LYS B 236 -11.41 28.88 5.13
CA LYS B 236 -12.11 29.28 3.93
C LYS B 236 -11.83 28.37 2.74
N TYR B 237 -10.80 27.53 2.81
CA TYR B 237 -10.50 26.60 1.74
C TYR B 237 -10.89 25.16 2.08
N ASN B 238 -11.82 25.01 3.03
CA ASN B 238 -12.17 23.72 3.59
C ASN B 238 -10.92 22.93 3.97
N TYR B 239 -10.08 23.59 4.76
CA TYR B 239 -8.96 22.94 5.43
C TYR B 239 -9.31 22.88 6.90
N GLU B 240 -8.96 21.78 7.54
CA GLU B 240 -9.14 21.65 8.96
C GLU B 240 -8.34 22.74 9.69
N PRO B 241 -8.89 23.34 10.74
CA PRO B 241 -8.10 24.31 11.51
C PRO B 241 -6.91 23.62 12.16
N LEU B 242 -5.87 24.42 12.41
CA LEU B 242 -4.62 23.94 12.97
C LEU B 242 -4.53 24.40 14.41
N THR B 243 -4.31 23.45 15.32
CA THR B 243 -4.30 23.71 16.74
C THR B 243 -2.88 23.82 17.26
N GLN B 244 -2.75 24.43 18.45
CA GLN B 244 -1.47 24.46 19.13
C GLN B 244 -0.94 23.06 19.39
N ASP B 245 -1.84 22.08 19.57
CA ASP B 245 -1.39 20.69 19.71
C ASP B 245 -0.83 20.15 18.39
N HIS B 246 -1.48 20.49 17.27
CA HIS B 246 -0.92 20.14 15.97
C HIS B 246 0.48 20.73 15.80
N VAL B 247 0.66 21.99 16.21
CA VAL B 247 1.95 22.65 16.06
C VAL B 247 3.03 21.89 16.82
N ASP B 248 2.76 21.57 18.10
CA ASP B 248 3.75 20.82 18.90
C ASP B 248 4.04 19.46 18.29
N ILE B 249 3.02 18.77 17.76
CA ILE B 249 3.24 17.48 17.12
C ILE B 249 4.26 17.60 16.00
N LEU B 250 4.23 18.71 15.26
CA LEU B 250 5.14 18.91 14.14
C LEU B 250 6.53 19.33 14.57
N GLY B 251 6.71 19.76 15.83
CA GLY B 251 7.99 20.16 16.40
C GLY B 251 9.21 19.40 15.92
N PRO B 252 9.20 18.06 16.01
CA PRO B 252 10.36 17.30 15.50
C PRO B 252 10.75 17.63 14.07
N LEU B 253 9.79 17.66 13.14
CA LEU B 253 10.12 18.03 11.77
C LEU B 253 10.56 19.49 11.68
N SER B 254 10.08 20.34 12.60
CA SER B 254 10.50 21.73 12.63
C SER B 254 11.99 21.83 12.93
N ALA B 255 12.42 21.22 14.04
CA ALA B 255 13.83 21.33 14.43
C ALA B 255 14.74 20.61 13.45
N GLN B 256 14.25 19.59 12.78
CA GLN B 256 15.07 18.83 11.84
C GLN B 256 15.28 19.60 10.53
N THR B 257 14.34 20.45 10.14
CA THR B 257 14.43 21.13 8.86
C THR B 257 14.83 22.60 8.98
N GLY B 258 14.80 23.16 10.18
CA GLY B 258 14.97 24.59 10.29
C GLY B 258 13.78 25.39 9.81
N ILE B 259 12.67 24.74 9.49
CA ILE B 259 11.44 25.39 9.09
C ILE B 259 10.50 25.37 10.28
N ALA B 260 10.30 26.54 10.91
CA ALA B 260 9.30 26.64 11.95
C ALA B 260 7.91 26.39 11.36
N VAL B 261 7.00 25.88 12.20
CA VAL B 261 5.70 25.47 11.71
C VAL B 261 4.96 26.64 11.07
N LEU B 262 4.89 27.78 11.76
CA LEU B 262 4.16 28.91 11.17
C LEU B 262 4.92 29.54 10.01
N ASP B 263 6.21 29.24 9.90
CA ASP B 263 6.96 29.53 8.68
C ASP B 263 6.48 28.62 7.53
N MET B 264 6.38 27.31 7.79
CA MET B 264 5.83 26.43 6.78
C MET B 264 4.35 26.74 6.47
N CYS B 265 3.58 27.20 7.46
CA CYS B 265 2.18 27.60 7.20
C CYS B 265 2.09 28.76 6.22
N ALA B 266 3.08 29.67 6.24
CA ALA B 266 3.11 30.73 5.24
C ALA B 266 3.29 30.14 3.84
N SER B 267 4.07 29.07 3.72
CA SER B 267 4.19 28.38 2.44
C SER B 267 2.86 27.77 2.03
N LEU B 268 2.21 27.05 2.94
CA LEU B 268 0.93 26.41 2.62
C LEU B 268 -0.16 27.45 2.34
N LYS B 269 -0.15 28.58 3.05
CA LYS B 269 -1.14 29.61 2.80
C LYS B 269 -1.05 30.13 1.36
N GLU B 270 0.16 30.28 0.82
CA GLU B 270 0.28 30.75 -0.56
C GLU B 270 -0.10 29.67 -1.56
N LEU B 271 0.27 28.42 -1.28
CA LEU B 271 -0.19 27.32 -2.12
C LEU B 271 -1.71 27.29 -2.19
N LEU B 272 -2.39 27.61 -1.07
CA LEU B 272 -3.83 27.70 -1.07
C LEU B 272 -4.31 28.88 -1.91
N GLN B 273 -3.72 30.06 -1.71
CA GLN B 273 -4.17 31.28 -2.37
C GLN B 273 -3.65 31.42 -3.79
N ASN B 274 -2.59 30.69 -4.16
CA ASN B 274 -2.02 30.82 -5.50
C ASN B 274 -2.11 29.55 -6.32
N GLY B 275 -2.33 28.39 -5.71
CA GLY B 275 -2.11 27.13 -6.39
C GLY B 275 -0.60 26.89 -6.56
N MET B 276 -0.29 25.73 -7.10
CA MET B 276 1.10 25.29 -7.19
C MET B 276 1.82 25.81 -8.44
N ASN B 277 1.24 26.78 -9.13
CA ASN B 277 1.86 27.40 -10.32
C ASN B 277 2.34 26.34 -11.30
N GLY B 278 1.45 25.42 -11.64
CA GLY B 278 1.78 24.38 -12.60
C GLY B 278 2.94 23.50 -12.22
N ARG B 279 3.29 23.44 -10.95
CA ARG B 279 4.36 22.58 -10.45
C ARG B 279 3.76 21.38 -9.74
N THR B 280 4.64 20.47 -9.33
CA THR B 280 4.29 19.40 -8.41
C THR B 280 5.19 19.47 -7.19
N ILE B 281 4.69 18.92 -6.09
CA ILE B 281 5.47 18.67 -4.88
C ILE B 281 5.49 17.17 -4.67
N LEU B 282 6.68 16.59 -4.58
CA LEU B 282 6.85 15.14 -4.46
C LEU B 282 6.04 14.42 -5.55
N GLY B 283 6.03 15.00 -6.75
CA GLY B 283 5.29 14.42 -7.85
C GLY B 283 3.79 14.30 -7.62
N SER B 284 3.17 15.36 -7.13
CA SER B 284 1.72 15.40 -6.99
C SER B 284 1.22 16.74 -7.48
N ALA B 285 0.16 16.71 -8.30
CA ALA B 285 -0.51 17.94 -8.66
C ALA B 285 -1.34 18.49 -7.52
N LEU B 286 -1.63 17.66 -6.51
CA LEU B 286 -2.40 18.07 -5.35
C LEU B 286 -1.60 17.84 -4.08
N LEU B 287 -2.14 18.36 -2.98
CA LEU B 287 -1.49 18.27 -1.68
C LEU B 287 -1.94 16.99 -0.97
N GLU B 288 -0.98 16.14 -0.65
CA GLU B 288 -1.27 14.89 0.05
C GLU B 288 -1.57 15.14 1.52
N ASP B 289 -2.69 14.60 2.02
CA ASP B 289 -3.08 14.78 3.42
C ASP B 289 -3.30 13.46 4.16
N GLU B 290 -2.78 12.33 3.68
CA GLU B 290 -2.87 11.09 4.43
C GLU B 290 -1.50 10.56 4.86
N PHE B 291 -0.54 11.45 5.11
CA PHE B 291 0.72 11.17 5.82
C PHE B 291 0.73 11.95 7.13
N THR B 292 0.70 11.26 8.27
CA THR B 292 0.76 11.98 9.54
C THR B 292 2.19 12.47 9.78
N PRO B 293 2.38 13.36 10.75
CA PRO B 293 3.76 13.69 11.16
C PRO B 293 4.56 12.46 11.53
N PHE B 294 3.97 11.56 12.34
N PHE B 294 3.97 11.55 12.31
CA PHE B 294 4.63 10.33 12.73
CA PHE B 294 4.67 10.34 12.72
C PHE B 294 4.99 9.48 11.51
C PHE B 294 4.98 9.45 11.52
N ASP B 295 4.09 9.41 10.53
CA ASP B 295 4.38 8.68 9.31
C ASP B 295 5.59 9.27 8.59
N VAL B 296 5.74 10.60 8.64
CA VAL B 296 6.87 11.25 7.99
C VAL B 296 8.14 11.09 8.81
N VAL B 297 8.00 11.09 10.14
CA VAL B 297 9.13 10.76 11.02
C VAL B 297 9.69 9.38 10.68
N ARG B 298 8.84 8.35 10.75
CA ARG B 298 9.33 6.99 10.58
C ARG B 298 9.95 6.79 9.21
N GLN B 299 9.25 7.19 8.15
CA GLN B 299 9.68 6.84 6.80
C GLN B 299 10.89 7.63 6.31
N CYS B 300 11.63 8.28 7.21
CA CYS B 300 12.84 8.99 6.79
C CYS B 300 14.06 8.77 7.68
N SER B 301 13.91 8.22 8.89
CA SER B 301 15.06 7.97 9.76
C SER B 301 15.19 6.48 10.10
C1 PEG C . 25.50 -0.79 -2.91
O1 PEG C . 24.22 -0.44 -2.38
C2 PEG C . 25.40 -1.25 -4.35
O2 PEG C . 26.68 -1.16 -4.99
C3 PEG C . 27.34 -2.42 -5.08
C4 PEG C . 28.83 -2.23 -4.97
O4 PEG C . 29.30 -2.49 -3.64
C1 PEG D . 25.64 -24.44 -2.63
O1 PEG D . 26.39 -25.16 -1.65
C2 PEG D . 24.68 -23.48 -1.99
O2 PEG D . 23.69 -23.10 -2.95
C3 PEG D . 22.39 -23.62 -2.67
C4 PEG D . 21.55 -23.59 -3.90
O4 PEG D . 22.28 -23.99 -5.06
C1 PEG E . 11.48 -14.75 10.37
O1 PEG E . 10.06 -14.64 10.53
C2 PEG E . 11.86 -16.11 9.90
O2 PEG E . 11.11 -17.07 10.63
C3 PEG E . 10.82 -18.26 9.88
C4 PEG E . 10.14 -19.26 10.76
O4 PEG E . 11.03 -19.89 11.68
C1 PEG F . 35.87 -11.52 6.09
O1 PEG F . 34.52 -11.11 5.91
C2 PEG F . 36.26 -12.59 5.12
O2 PEG F . 37.57 -12.33 4.60
C3 PEG F . 37.70 -12.69 3.24
C4 PEG F . 38.87 -11.97 2.63
O4 PEG F . 38.56 -11.48 1.33
C1 PEG G . 18.06 -10.33 14.76
O1 PEG G . 18.48 -9.09 15.31
C2 PEG G . 16.66 -10.25 14.24
O2 PEG G . 16.64 -10.65 12.87
C3 PEG G . 15.33 -10.59 12.31
C4 PEG G . 15.19 -11.59 11.20
O4 PEG G . 13.84 -12.00 10.99
C1 PEG H . 28.54 -18.13 -10.80
O1 PEG H . 29.93 -18.43 -10.81
C2 PEG H . 28.00 -17.91 -12.18
O2 PEG H . 26.65 -17.45 -12.12
C3 PEG H . 25.73 -18.39 -12.63
C4 PEG H . 24.65 -17.71 -13.43
O4 PEG H . 25.07 -17.38 -14.75
C1 PEG I . 22.57 -8.50 15.49
O1 PEG I . 21.86 -7.63 14.62
C2 PEG I . 24.07 -8.47 15.24
O2 PEG I . 24.35 -8.72 13.87
C3 PEG I . 25.18 -7.73 13.28
C4 PEG I . 24.55 -6.37 13.42
O4 PEG I . 23.17 -6.37 13.10
C1 PEG J . 33.09 -8.93 3.61
O1 PEG J . 33.70 -10.05 4.24
C2 PEG J . 32.99 -7.77 4.56
O2 PEG J . 32.02 -6.84 4.09
C3 PEG J . 31.73 -5.81 5.04
C4 PEG J . 32.97 -5.02 5.35
O4 PEG J . 33.42 -5.25 6.68
C1 PEG K . 3.52 -12.34 10.57
O1 PEG K . 3.18 -13.13 11.72
C2 PEG K . 4.58 -12.99 9.74
O2 PEG K . 4.03 -14.09 9.02
C3 PEG K . 4.73 -15.30 9.27
C4 PEG K . 3.97 -16.46 8.69
O4 PEG K . 4.22 -16.60 7.30
C1 PEG L . -15.37 -4.30 -27.82
O1 PEG L . -16.42 -5.02 -27.20
C2 PEG L . -15.88 -3.12 -28.59
O2 PEG L . -16.64 -2.28 -27.74
C3 PEG L . -17.78 -1.72 -28.37
C4 PEG L . -17.35 -0.75 -29.43
O4 PEG L . -17.53 -1.29 -30.72
C1 PEG M . 27.46 -13.99 -14.34
O1 PEG M . 27.22 -13.83 -15.74
C2 PEG M . 27.38 -12.68 -13.61
O2 PEG M . 26.31 -11.90 -14.13
C3 PEG M . 26.36 -10.54 -13.71
C4 PEG M . 26.82 -9.68 -14.85
O4 PEG M . 26.22 -10.07 -16.08
C1 PEG N . -6.71 -7.37 -5.34
O1 PEG N . -7.72 -8.16 -4.75
C2 PEG N . -5.36 -7.61 -4.73
O2 PEG N . -4.64 -6.39 -4.61
C3 PEG N . -3.41 -6.38 -5.32
C4 PEG N . -3.68 -6.36 -6.80
O4 PEG N . -2.55 -5.91 -7.54
C1 PEG O . 6.56 9.50 -15.10
O1 PEG O . 7.39 9.95 -16.16
C2 PEG O . 5.13 9.32 -15.54
O2 PEG O . 4.32 8.91 -14.44
C3 PEG O . 3.29 9.86 -14.11
C4 PEG O . 2.19 9.82 -15.13
O4 PEG O . 1.93 11.11 -15.69
C1 PEG P . 4.79 7.43 -6.55
O1 PEG P . 5.46 7.72 -5.32
C2 PEG P . 5.77 7.30 -7.68
O2 PEG P . 5.08 6.97 -8.88
C3 PEG P . 5.31 7.91 -9.93
C4 PEG P . 5.27 7.22 -11.25
O4 PEG P . 5.71 8.09 -12.30
CL CL Q . 5.33 -9.36 -16.86
NA NA R . -13.50 8.96 -27.62
C1 PEG S . 0.08 0.12 -1.37
O1 PEG S . 0.94 1.10 -1.96
C2 PEG S . 0.14 0.17 0.15
O2 PEG S . -0.40 1.42 0.63
C3 PEG S . -1.63 1.77 0.03
C4 PEG S . -1.90 3.24 0.14
O4 PEG S . -3.22 3.56 -0.24
C1 PEG T . -13.10 -1.29 -6.08
O1 PEG T . -12.85 0.10 -5.98
C2 PEG T . -12.76 -2.02 -4.82
O2 PEG T . -11.39 -2.40 -4.82
C3 PEG T . -11.15 -3.55 -4.02
C4 PEG T . -10.98 -4.77 -4.87
O4 PEG T . -12.19 -5.08 -5.55
C1 PEG U . -5.62 -19.21 11.76
O1 PEG U . -5.72 -20.36 12.60
C2 PEG U . -6.85 -19.03 10.92
O2 PEG U . -6.51 -18.27 9.76
C3 PEG U . -5.60 -18.97 8.90
C4 PEG U . -4.94 -17.99 7.97
O4 PEG U . -3.54 -17.90 8.21
C1 PEG V . 0.19 -9.65 26.45
O1 PEG V . 1.19 -9.82 27.44
C2 PEG V . 0.27 -8.29 25.81
O2 PEG V . -1.03 -7.75 25.64
C3 PEG V . -1.12 -6.85 24.54
C4 PEG V . -0.94 -5.44 25.00
O4 PEG V . 0.13 -4.81 24.32
C1 PEG W . 1.34 -0.97 23.65
O1 PEG W . 2.27 -1.85 24.25
C2 PEG W . 1.85 -0.42 22.36
O2 PEG W . 0.82 0.32 21.71
C3 PEG W . 1.01 1.73 21.78
C4 PEG W . -0.28 2.45 21.54
O4 PEG W . -1.02 1.87 20.47
C1 PEG X . -0.64 -17.32 21.91
O1 PEG X . -0.85 -16.90 20.57
C2 PEG X . -1.70 -18.29 22.33
O2 PEG X . -2.92 -18.01 21.64
C3 PEG X . -4.06 -18.58 22.26
C4 PEG X . -3.71 -19.89 22.92
O4 PEG X . -3.38 -20.91 21.98
C1 PEG Y . -6.65 18.02 -0.39
O1 PEG Y . -5.71 18.45 -1.35
C2 PEG Y . -6.71 16.51 -0.27
O2 PEG Y . -7.78 16.14 0.59
C3 PEG Y . -8.98 15.83 -0.10
C4 PEG Y . -10.14 15.86 0.85
O4 PEG Y . -10.74 17.15 0.91
C1 PEG Z . 6.41 2.75 8.00
O1 PEG Z . 7.69 2.38 7.51
C2 PEG Z . 5.34 1.78 7.56
O2 PEG Z . 4.14 2.05 8.29
C3 PEG Z . 3.11 2.66 7.52
C4 PEG Z . 2.41 3.71 8.32
O4 PEG Z . 3.34 4.63 8.89
C1 PEG AA . -10.96 -18.65 5.19
O1 PEG AA . -10.90 -17.98 6.44
C2 PEG AA . -12.37 -18.99 4.80
O2 PEG AA . -12.39 -20.20 4.05
C3 PEG AA . -13.69 -20.60 3.65
C4 PEG AA . -13.62 -21.31 2.33
O4 PEG AA . -14.82 -21.14 1.59
NA NA BA . 7.93 30.71 5.14
#